data_1NCR
#
_entry.id   1NCR
#
_cell.length_a   359.494
_cell.length_b   343.657
_cell.length_c   332.184
_cell.angle_alpha   90.00
_cell.angle_beta   90.00
_cell.angle_gamma   90.00
#
_symmetry.space_group_name_H-M   'P 2 21 21'
#
loop_
_entity.id
_entity.type
_entity.pdbx_description
1 polymer 'coat protein VP1'
2 polymer 'coat protein VP2'
3 polymer 'coat protein VP3'
4 polymer 'coat protein VP4'
5 non-polymer 'ZINC ION'
6 non-polymer 3-{3,5-DIMETHYL-4-[3-(3-METHYL-ISOXAZOL-5-YL)-PROPOXY]-PHENYL}-5-TRIFLUOROMETHYL-[1,2,4]OXADIAZOLE
7 non-polymer 'MYRISTIC ACID'
8 water water
#
loop_
_entity_poly.entity_id
_entity_poly.type
_entity_poly.pdbx_seq_one_letter_code
_entity_poly.pdbx_strand_id
1 'polypeptide(L)'
;NPVERYVDEVLNEVLVVPNINQSHPTTSNAAPVLDAAETGHTNKIQPEDTIETRYVQSSQTLDEMSVESFLGRSGCIHES
VLDIVDNYNDQSFTKWNINLQEMAQIRRKFEMFTYARFDSEITMVPSVAAKDGHIGHIVMQYMYVPPGAPIPTTRDDYAW
QSGTNASVFWQHGQPFPRFSLPFLSIASAYYMFYDGYDGDTYKSRYGTVVTNDMGTLCSRIVTSEQLHKVKVVTRIYHKA
KHTKAWCPRPPRAVQYSHTHTTNYKLSSEVHNDVAIRPRTNLTTV
;
A
2 'polypeptide(L)'
;SPSVEACGYSDRIIQITRGDSTITSQDVANAVVGYGVWPHYLTPQDATAIDKPTQPDTSSNRFYTLDSKMWNSTSKGWWW
KLPDALKDMGIFGENMFYHFLGRSGYTVHVQCNASKFHQGTLLVVMIPEHQLATVNKGNVNAGYKYTHPGEAGREVGTQV
ENEKQPSDDNWLNFDGTLLGNLLIFPHQFINLRSNNSATLIVPYVNAVPMDSMVRHNNWSLVIIPVCQLQSNNISNIVPI
TVSISPMCAEFSGARAKTVVQ
;
B
3 'polypeptide(L)'
;GLPVYVTPGSGQFMTTDDMQSPCALPWYHPTKEIFIPGEVKNLIEMCQVDTLIPINSTQSNIGNVSMYTVTLSPQTKLAE
EIFAIKVDIASHPLATTLIGEIASYFTHWTGSLRFSFMFCGTANTTLKVLLAYTPPGIGKPRSRKEAMLGTHVVWDVGLQ
STVSLVVPWISASQYRFTTPDTYSSAGYITCWYQTNFVVPPNTPNTAEMLCFVSGCKDFCLRMARDTDLHKQTGPITQ
;
C
4 'polypeptide(L)' GAQVSRQNVGTHSTQNMVSNGSSLNYFNINYFKDAASSGASRLDFSQDPSKFTDPVKDVLEKGIPTLQ D
#
# COMPACT_ATOMS: atom_id res chain seq x y z
N ASN A 1 7.15 -29.64 17.22
CA ASN A 1 6.23 -30.81 17.15
C ASN A 1 5.15 -30.53 16.12
N PRO A 2 5.05 -31.38 15.08
CA PRO A 2 4.01 -31.18 14.05
C PRO A 2 2.60 -31.28 14.65
N VAL A 3 2.54 -31.76 15.89
CA VAL A 3 1.27 -31.91 16.60
C VAL A 3 1.03 -30.71 17.51
N GLU A 4 2.10 -30.12 18.03
CA GLU A 4 1.98 -28.95 18.89
C GLU A 4 1.60 -27.75 18.01
N ARG A 5 2.11 -27.76 16.78
CA ARG A 5 1.84 -26.71 15.81
C ARG A 5 0.39 -26.85 15.36
N TYR A 6 -0.09 -28.10 15.36
CA TYR A 6 -1.47 -28.38 14.97
C TYR A 6 -2.43 -27.71 15.95
N VAL A 7 -2.15 -27.86 17.23
CA VAL A 7 -2.99 -27.26 18.27
C VAL A 7 -3.03 -25.75 18.13
N ASP A 8 -1.88 -25.14 17.79
CA ASP A 8 -1.83 -23.70 17.60
C ASP A 8 -2.70 -23.27 16.42
N GLU A 9 -2.83 -24.13 15.43
CA GLU A 9 -3.65 -23.82 14.26
C GLU A 9 -5.13 -23.84 14.65
N VAL A 10 -5.52 -24.88 15.40
CA VAL A 10 -6.91 -25.03 15.84
C VAL A 10 -7.32 -23.89 16.77
N LEU A 11 -6.39 -23.47 17.62
CA LEU A 11 -6.64 -22.40 18.58
C LEU A 11 -6.31 -21.02 18.02
N ASN A 12 -5.62 -20.99 16.88
CA ASN A 12 -5.24 -19.74 16.24
C ASN A 12 -4.33 -18.93 17.14
N GLU A 13 -3.30 -19.60 17.66
CA GLU A 13 -2.32 -18.99 18.55
C GLU A 13 -0.90 -19.22 18.01
N VAL A 14 -0.75 -19.10 16.70
CA VAL A 14 0.54 -19.29 16.06
C VAL A 14 1.44 -18.07 16.25
N LEU A 15 0.86 -16.87 16.11
CA LEU A 15 1.61 -15.64 16.24
C LEU A 15 1.11 -14.85 17.45
N VAL A 16 1.81 -14.97 18.57
CA VAL A 16 1.42 -14.29 19.80
C VAL A 16 2.05 -12.90 19.92
N VAL A 17 1.37 -11.99 20.59
CA VAL A 17 1.92 -10.66 20.77
C VAL A 17 2.63 -10.62 22.11
N PRO A 18 3.68 -9.79 22.24
CA PRO A 18 4.44 -9.69 23.49
C PRO A 18 3.67 -9.12 24.67
N ASN A 19 4.15 -9.44 25.87
CA ASN A 19 3.54 -8.96 27.10
C ASN A 19 3.99 -7.55 27.42
N ILE A 20 3.27 -6.92 28.33
CA ILE A 20 3.63 -5.60 28.80
C ILE A 20 4.27 -5.89 30.15
N ASN A 21 5.46 -5.36 30.39
CA ASN A 21 6.14 -5.60 31.65
C ASN A 21 5.98 -4.44 32.59
N GLN A 22 6.13 -4.71 33.87
CA GLN A 22 6.01 -3.66 34.85
C GLN A 22 7.17 -2.69 34.66
N SER A 23 6.90 -1.39 34.69
CA SER A 23 7.96 -0.41 34.54
C SER A 23 7.95 0.45 35.79
N HIS A 24 8.97 1.29 35.95
CA HIS A 24 9.07 2.12 37.14
C HIS A 24 9.39 3.57 36.86
N PRO A 25 9.30 4.43 37.87
CA PRO A 25 9.61 5.84 37.65
C PRO A 25 11.07 5.96 37.24
N THR A 26 11.37 6.88 36.33
CA THR A 26 12.74 7.05 35.88
C THR A 26 13.17 8.51 35.79
N THR A 27 14.47 8.72 35.90
CA THR A 27 15.08 10.04 35.80
C THR A 27 16.40 9.72 35.12
N SER A 28 16.53 10.07 33.85
CA SER A 28 17.73 9.75 33.10
C SER A 28 17.93 10.68 31.92
N ASN A 29 19.15 10.78 31.40
CA ASN A 29 19.38 11.64 30.25
C ASN A 29 19.23 10.84 28.96
N ALA A 30 18.61 9.67 29.08
CA ALA A 30 18.33 8.82 27.93
C ALA A 30 16.84 9.10 27.75
N ALA A 31 16.48 9.79 26.67
CA ALA A 31 15.09 10.13 26.44
C ALA A 31 14.47 9.40 25.25
N PRO A 32 13.90 8.21 25.49
CA PRO A 32 13.26 7.41 24.45
C PRO A 32 12.17 8.17 23.68
N VAL A 33 11.38 8.97 24.38
CA VAL A 33 10.29 9.72 23.75
C VAL A 33 10.73 10.73 22.71
N LEU A 34 12.02 11.06 22.69
CA LEU A 34 12.55 12.02 21.72
C LEU A 34 13.27 11.30 20.60
N ASP A 35 13.04 11.76 19.36
CA ASP A 35 13.68 11.14 18.21
C ASP A 35 13.67 12.08 17.01
N ALA A 36 13.78 11.51 15.81
CA ALA A 36 13.79 12.31 14.59
C ALA A 36 13.10 11.58 13.44
N ALA A 37 11.85 11.96 13.16
CA ALA A 37 11.11 11.34 12.08
C ALA A 37 11.77 11.58 10.74
N GLU A 38 12.68 12.55 10.67
CA GLU A 38 13.37 12.85 9.42
C GLU A 38 14.14 11.62 8.94
N THR A 39 14.62 10.83 9.90
CA THR A 39 15.38 9.63 9.56
C THR A 39 14.57 8.68 8.69
N GLY A 40 13.26 8.78 8.79
CA GLY A 40 12.40 7.89 8.00
C GLY A 40 12.07 6.63 8.76
N HIS A 41 12.51 6.56 10.02
CA HIS A 41 12.25 5.41 10.87
C HIS A 41 11.18 5.76 11.88
N THR A 42 10.48 4.75 12.40
CA THR A 42 9.43 4.99 13.39
C THR A 42 10.03 4.81 14.78
N ASN A 43 9.77 5.76 15.67
CA ASN A 43 10.30 5.66 17.02
C ASN A 43 9.80 4.34 17.59
N LYS A 44 10.71 3.52 18.10
CA LYS A 44 10.30 2.23 18.63
C LYS A 44 9.93 2.21 20.11
N ILE A 45 9.57 3.38 20.64
CA ILE A 45 9.20 3.49 22.04
C ILE A 45 7.94 2.69 22.37
N GLN A 46 7.93 2.06 23.53
CA GLN A 46 6.78 1.26 23.97
C GLN A 46 6.17 1.86 25.24
N PRO A 47 4.94 1.46 25.59
CA PRO A 47 4.31 2.02 26.80
C PRO A 47 5.13 1.98 28.09
N GLU A 48 5.90 0.92 28.31
CA GLU A 48 6.70 0.83 29.53
C GLU A 48 7.67 2.01 29.68
N ASP A 49 7.96 2.69 28.57
CA ASP A 49 8.91 3.81 28.60
C ASP A 49 8.32 5.18 28.92
N THR A 50 7.01 5.35 28.74
CA THR A 50 6.39 6.65 28.98
C THR A 50 5.51 6.72 30.23
N ILE A 51 5.17 5.58 30.80
CA ILE A 51 4.36 5.57 32.02
C ILE A 51 4.80 4.38 32.86
N GLU A 52 4.37 4.34 34.10
CA GLU A 52 4.69 3.21 34.95
C GLU A 52 3.60 2.18 34.69
N THR A 53 3.97 1.11 34.01
CA THR A 53 3.02 0.06 33.65
C THR A 53 3.07 -1.11 34.62
N ARG A 54 2.02 -1.93 34.57
CA ARG A 54 1.95 -3.11 35.40
C ARG A 54 2.35 -4.26 34.49
N TYR A 55 2.46 -5.46 35.05
CA TYR A 55 2.79 -6.61 34.25
C TYR A 55 1.47 -7.20 33.75
N VAL A 56 1.40 -7.51 32.46
CA VAL A 56 0.19 -8.07 31.85
C VAL A 56 0.55 -9.17 30.85
N GLN A 57 -0.08 -10.34 30.99
CA GLN A 57 0.17 -11.44 30.06
C GLN A 57 -0.76 -11.32 28.86
N SER A 58 -0.18 -11.00 27.71
CA SER A 58 -0.95 -10.86 26.47
C SER A 58 -1.47 -12.20 25.99
N SER A 59 -2.69 -12.19 25.44
CA SER A 59 -3.31 -13.41 24.92
C SER A 59 -3.76 -13.20 23.48
N GLN A 60 -3.50 -12.03 22.93
CA GLN A 60 -3.90 -11.75 21.56
C GLN A 60 -2.96 -12.46 20.60
N THR A 61 -3.48 -12.81 19.43
CA THR A 61 -2.67 -13.46 18.40
C THR A 61 -2.83 -12.70 17.09
N LEU A 62 -1.77 -12.67 16.29
CA LEU A 62 -1.78 -11.95 15.02
C LEU A 62 -2.17 -12.83 13.83
N ASP A 63 -2.54 -14.08 14.09
CA ASP A 63 -2.91 -15.02 13.04
C ASP A 63 -3.86 -14.43 11.99
N GLU A 64 -4.99 -13.92 12.45
CA GLU A 64 -6.00 -13.36 11.56
C GLU A 64 -5.52 -12.16 10.74
N MET A 65 -4.46 -11.51 11.19
CA MET A 65 -3.91 -10.35 10.47
C MET A 65 -2.86 -10.75 9.43
N SER A 66 -2.67 -12.05 9.25
CA SER A 66 -1.69 -12.55 8.30
C SER A 66 -2.16 -12.25 6.87
N VAL A 67 -1.22 -12.22 5.94
CA VAL A 67 -1.55 -11.96 4.55
C VAL A 67 -2.48 -13.07 4.04
N GLU A 68 -2.17 -14.31 4.43
CA GLU A 68 -2.98 -15.45 4.00
C GLU A 68 -4.43 -15.20 4.41
N SER A 69 -4.63 -14.72 5.62
CA SER A 69 -5.97 -14.45 6.11
C SER A 69 -6.61 -13.22 5.47
N PHE A 70 -5.84 -12.15 5.31
CA PHE A 70 -6.37 -10.92 4.74
C PHE A 70 -6.86 -11.07 3.30
N LEU A 71 -6.15 -11.85 2.50
CA LEU A 71 -6.52 -12.06 1.11
C LEU A 71 -7.15 -13.44 0.87
N GLY A 72 -7.41 -14.18 1.96
CA GLY A 72 -7.96 -15.52 1.81
C GLY A 72 -9.45 -15.67 2.01
N ARG A 73 -10.23 -14.68 1.61
CA ARG A 73 -11.67 -14.75 1.74
C ARG A 73 -12.29 -14.55 0.36
N SER A 74 -13.14 -15.49 -0.04
CA SER A 74 -13.77 -15.46 -1.34
C SER A 74 -14.71 -14.28 -1.59
N GLY A 75 -14.38 -13.46 -2.57
CA GLY A 75 -15.21 -12.31 -2.89
C GLY A 75 -15.60 -12.29 -4.37
N CYS A 76 -16.69 -11.62 -4.69
CA CYS A 76 -17.17 -11.56 -6.07
C CYS A 76 -16.26 -10.74 -6.97
N ILE A 77 -15.93 -11.27 -8.15
CA ILE A 77 -15.07 -10.55 -9.08
C ILE A 77 -15.73 -10.35 -10.45
N HIS A 78 -16.89 -10.96 -10.65
CA HIS A 78 -17.59 -10.85 -11.93
C HIS A 78 -19.03 -11.36 -11.84
N GLU A 79 -19.92 -10.72 -12.58
CA GLU A 79 -21.32 -11.13 -12.62
C GLU A 79 -21.73 -11.32 -14.08
N SER A 80 -21.59 -12.54 -14.57
CA SER A 80 -21.91 -12.87 -15.95
C SER A 80 -23.39 -13.02 -16.17
N VAL A 81 -23.88 -12.39 -17.24
CA VAL A 81 -25.31 -12.43 -17.56
C VAL A 81 -25.65 -13.01 -18.93
N LEU A 82 -26.53 -14.00 -18.94
CA LEU A 82 -27.01 -14.61 -20.17
C LEU A 82 -28.51 -14.39 -20.06
N ASP A 83 -29.02 -13.44 -20.82
CA ASP A 83 -30.43 -13.11 -20.76
C ASP A 83 -31.14 -13.39 -22.07
N ILE A 84 -31.95 -14.44 -22.09
CA ILE A 84 -32.68 -14.80 -23.29
C ILE A 84 -33.84 -13.84 -23.46
N VAL A 85 -33.74 -12.98 -24.46
CA VAL A 85 -34.78 -12.00 -24.72
C VAL A 85 -35.58 -12.27 -25.98
N ASP A 86 -34.90 -12.41 -27.11
CA ASP A 86 -35.60 -12.66 -28.38
C ASP A 86 -34.81 -13.47 -29.38
N ASN A 87 -33.63 -13.94 -29.02
CA ASN A 87 -32.83 -14.73 -29.94
C ASN A 87 -31.92 -15.68 -29.16
N TYR A 88 -32.36 -16.92 -29.04
CA TYR A 88 -31.58 -17.90 -28.28
C TYR A 88 -30.16 -18.09 -28.77
N ASN A 89 -29.97 -18.18 -30.08
CA ASN A 89 -28.62 -18.37 -30.61
C ASN A 89 -27.65 -17.25 -30.28
N ASP A 90 -28.12 -16.01 -30.29
CA ASP A 90 -27.24 -14.89 -30.00
C ASP A 90 -27.08 -14.62 -28.51
N GLN A 91 -28.14 -14.89 -27.75
CA GLN A 91 -28.13 -14.61 -26.33
C GLN A 91 -27.81 -15.74 -25.36
N SER A 92 -27.60 -16.96 -25.86
CA SER A 92 -27.32 -18.09 -24.97
C SER A 92 -25.86 -18.34 -24.64
N PHE A 93 -24.97 -17.43 -25.06
CA PHE A 93 -23.55 -17.58 -24.76
C PHE A 93 -22.90 -16.20 -24.69
N THR A 94 -21.78 -16.13 -23.99
CA THR A 94 -21.08 -14.87 -23.84
C THR A 94 -19.61 -15.10 -23.51
N LYS A 95 -18.86 -14.01 -23.32
CA LYS A 95 -17.44 -14.11 -22.99
C LYS A 95 -17.04 -12.95 -22.09
N TRP A 96 -15.96 -13.14 -21.33
CA TRP A 96 -15.46 -12.13 -20.42
C TRP A 96 -13.93 -12.06 -20.41
N ASN A 97 -13.39 -10.85 -20.55
CA ASN A 97 -11.95 -10.68 -20.52
C ASN A 97 -11.60 -10.68 -19.02
N ILE A 98 -11.13 -11.82 -18.55
CA ILE A 98 -10.78 -12.05 -17.15
C ILE A 98 -9.87 -11.03 -16.49
N ASN A 99 -10.22 -10.62 -15.29
CA ASN A 99 -9.42 -9.67 -14.52
C ASN A 99 -9.94 -9.56 -13.09
N LEU A 100 -9.11 -9.07 -12.19
CA LEU A 100 -9.49 -8.91 -10.79
C LEU A 100 -9.65 -7.42 -10.50
N GLN A 101 -10.08 -6.67 -11.51
CA GLN A 101 -10.22 -5.22 -11.39
C GLN A 101 -11.63 -4.63 -11.42
N GLU A 102 -12.64 -5.45 -11.68
CA GLU A 102 -14.01 -4.94 -11.77
C GLU A 102 -14.80 -4.70 -10.49
N MET A 103 -14.44 -5.39 -9.41
CA MET A 103 -15.14 -5.24 -8.14
C MET A 103 -14.22 -4.59 -7.11
N ALA A 104 -14.65 -3.46 -6.59
CA ALA A 104 -13.86 -2.69 -5.63
C ALA A 104 -13.39 -3.37 -4.36
N GLN A 105 -14.26 -4.16 -3.72
CA GLN A 105 -13.86 -4.78 -2.47
C GLN A 105 -12.60 -5.64 -2.50
N ILE A 106 -12.51 -6.62 -3.38
CA ILE A 106 -11.29 -7.43 -3.39
C ILE A 106 -10.15 -6.71 -4.08
N ARG A 107 -10.46 -5.84 -5.02
CA ARG A 107 -9.43 -5.10 -5.73
C ARG A 107 -8.61 -4.22 -4.78
N ARG A 108 -9.31 -3.50 -3.91
CA ARG A 108 -8.64 -2.62 -2.96
C ARG A 108 -7.68 -3.36 -2.05
N LYS A 109 -8.06 -4.55 -1.60
CA LYS A 109 -7.21 -5.31 -0.71
C LYS A 109 -5.92 -5.79 -1.39
N PHE A 110 -6.03 -6.28 -2.62
CA PHE A 110 -4.84 -6.73 -3.32
C PHE A 110 -3.94 -5.53 -3.59
N GLU A 111 -4.56 -4.41 -3.97
CA GLU A 111 -3.81 -3.21 -4.28
C GLU A 111 -3.14 -2.54 -3.09
N MET A 112 -3.14 -3.19 -1.94
CA MET A 112 -2.48 -2.62 -0.79
C MET A 112 -1.05 -3.15 -0.77
N PHE A 113 -0.69 -3.81 -1.86
CA PHE A 113 0.63 -4.38 -2.06
C PHE A 113 1.02 -4.09 -3.50
N THR A 114 2.32 -4.08 -3.79
CA THR A 114 2.79 -3.80 -5.14
C THR A 114 2.83 -5.07 -5.98
N TYR A 115 3.26 -6.18 -5.36
CA TYR A 115 3.35 -7.46 -6.05
C TYR A 115 2.73 -8.53 -5.15
N ALA A 116 2.09 -9.52 -5.77
CA ALA A 116 1.48 -10.60 -5.02
C ALA A 116 1.56 -11.89 -5.81
N ARG A 117 1.85 -12.98 -5.10
CA ARG A 117 1.96 -14.30 -5.72
C ARG A 117 1.01 -15.23 -4.95
N PHE A 118 0.14 -15.92 -5.67
CA PHE A 118 -0.81 -16.80 -5.01
C PHE A 118 -1.52 -17.73 -5.97
N ASP A 119 -2.08 -18.81 -5.43
CA ASP A 119 -2.86 -19.75 -6.21
C ASP A 119 -4.26 -19.21 -6.04
N SER A 120 -5.19 -19.65 -6.89
CA SER A 120 -6.54 -19.16 -6.79
C SER A 120 -7.59 -20.26 -6.61
N GLU A 121 -8.68 -19.90 -5.95
CA GLU A 121 -9.79 -20.81 -5.79
C GLU A 121 -10.94 -20.03 -6.39
N ILE A 122 -11.55 -20.59 -7.43
CA ILE A 122 -12.68 -19.94 -8.08
C ILE A 122 -13.93 -20.73 -7.71
N THR A 123 -14.96 -20.03 -7.28
CA THR A 123 -16.23 -20.66 -6.93
C THR A 123 -17.30 -19.93 -7.71
N MET A 124 -18.20 -20.68 -8.35
CA MET A 124 -19.26 -20.07 -9.13
C MET A 124 -20.66 -20.26 -8.55
N VAL A 125 -21.44 -19.21 -8.61
CA VAL A 125 -22.81 -19.23 -8.10
C VAL A 125 -23.77 -18.88 -9.22
N PRO A 126 -24.29 -19.89 -9.93
CA PRO A 126 -25.23 -19.63 -11.02
C PRO A 126 -26.66 -19.61 -10.47
N SER A 127 -27.49 -18.72 -11.01
CA SER A 127 -28.88 -18.65 -10.58
C SER A 127 -29.77 -18.40 -11.82
N VAL A 128 -30.71 -19.32 -12.04
CA VAL A 128 -31.60 -19.24 -13.19
C VAL A 128 -32.94 -18.58 -12.86
N ALA A 129 -33.18 -17.41 -13.45
CA ALA A 129 -34.43 -16.69 -13.22
C ALA A 129 -35.48 -17.13 -14.24
N ALA A 130 -36.60 -17.63 -13.75
CA ALA A 130 -37.68 -18.07 -14.61
C ALA A 130 -38.52 -16.88 -15.06
N LYS A 131 -38.19 -16.35 -16.23
CA LYS A 131 -38.90 -15.20 -16.77
C LYS A 131 -40.31 -15.53 -17.24
N ASP A 132 -40.50 -16.74 -17.75
CA ASP A 132 -41.82 -17.13 -18.24
C ASP A 132 -42.49 -18.20 -17.40
N GLY A 133 -41.81 -18.70 -16.37
CA GLY A 133 -42.43 -19.70 -15.53
C GLY A 133 -41.60 -20.93 -15.20
N HIS A 134 -41.11 -21.62 -16.21
CA HIS A 134 -40.31 -22.82 -15.98
C HIS A 134 -38.87 -22.55 -16.33
N ILE A 135 -37.98 -23.44 -15.90
CA ILE A 135 -36.57 -23.30 -16.21
C ILE A 135 -36.08 -24.55 -16.91
N GLY A 136 -36.95 -25.55 -17.02
CA GLY A 136 -36.59 -26.79 -17.67
C GLY A 136 -35.35 -27.41 -17.04
N HIS A 137 -34.48 -27.96 -17.87
CA HIS A 137 -33.24 -28.58 -17.39
C HIS A 137 -32.08 -27.71 -17.85
N ILE A 138 -31.51 -26.92 -16.94
CA ILE A 138 -30.41 -26.04 -17.29
C ILE A 138 -29.03 -26.62 -17.02
N VAL A 139 -28.22 -26.71 -18.07
CA VAL A 139 -26.85 -27.20 -17.97
C VAL A 139 -25.97 -26.10 -18.54
N MET A 140 -24.96 -25.71 -17.77
CA MET A 140 -24.05 -24.63 -18.19
C MET A 140 -22.66 -25.16 -18.51
N GLN A 141 -21.97 -24.46 -19.40
CA GLN A 141 -20.59 -24.80 -19.74
C GLN A 141 -19.75 -23.54 -19.61
N TYR A 142 -18.68 -23.63 -18.82
CA TYR A 142 -17.76 -22.52 -18.63
C TYR A 142 -16.43 -23.01 -19.17
N MET A 143 -15.87 -22.29 -20.12
CA MET A 143 -14.59 -22.69 -20.71
C MET A 143 -13.54 -21.60 -20.64
N TYR A 144 -12.35 -21.97 -20.18
CA TYR A 144 -11.26 -21.03 -20.08
C TYR A 144 -10.44 -21.04 -21.36
N VAL A 145 -10.49 -19.92 -22.08
CA VAL A 145 -9.76 -19.80 -23.32
C VAL A 145 -8.52 -18.95 -23.05
N PRO A 146 -7.36 -19.59 -22.88
CA PRO A 146 -6.13 -18.85 -22.62
C PRO A 146 -5.82 -17.95 -23.80
N PRO A 147 -5.03 -16.88 -23.59
CA PRO A 147 -4.73 -16.00 -24.72
C PRO A 147 -4.12 -16.77 -25.90
N GLY A 148 -4.79 -16.66 -27.05
CA GLY A 148 -4.32 -17.33 -28.25
C GLY A 148 -5.29 -18.39 -28.72
N ALA A 149 -5.92 -19.10 -27.79
CA ALA A 149 -6.89 -20.14 -28.14
C ALA A 149 -8.08 -19.51 -28.84
N PRO A 150 -8.71 -20.25 -29.76
CA PRO A 150 -9.87 -19.75 -30.50
C PRO A 150 -11.08 -19.45 -29.64
N ILE A 151 -11.64 -18.26 -29.83
CA ILE A 151 -12.81 -17.83 -29.07
C ILE A 151 -14.09 -18.14 -29.83
N PRO A 152 -15.01 -18.90 -29.21
CA PRO A 152 -16.25 -19.22 -29.90
C PRO A 152 -17.05 -17.99 -30.34
N THR A 153 -17.65 -18.05 -31.52
CA THR A 153 -18.43 -16.93 -32.03
C THR A 153 -19.91 -17.26 -32.25
N THR A 154 -20.31 -18.47 -31.84
CA THR A 154 -21.70 -18.91 -31.95
C THR A 154 -21.86 -19.95 -30.85
N ARG A 155 -23.09 -20.27 -30.49
CA ARG A 155 -23.30 -21.25 -29.43
C ARG A 155 -22.85 -22.66 -29.82
N ASP A 156 -22.57 -22.89 -31.09
CA ASP A 156 -22.14 -24.22 -31.55
C ASP A 156 -20.74 -24.23 -32.17
N ASP A 157 -19.97 -23.19 -31.92
CA ASP A 157 -18.62 -23.08 -32.44
C ASP A 157 -17.84 -24.35 -32.05
N TYR A 158 -16.96 -24.81 -32.92
CA TYR A 158 -16.18 -26.01 -32.64
C TYR A 158 -15.32 -25.86 -31.38
N ALA A 159 -15.02 -24.62 -31.01
CA ALA A 159 -14.20 -24.37 -29.84
C ALA A 159 -14.82 -24.93 -28.56
N TRP A 160 -16.16 -25.02 -28.53
CA TRP A 160 -16.86 -25.53 -27.35
C TRP A 160 -16.51 -27.00 -27.09
N GLN A 161 -15.90 -27.65 -28.08
CA GLN A 161 -15.50 -29.05 -27.92
C GLN A 161 -14.55 -29.17 -26.74
N SER A 162 -13.77 -28.12 -26.53
CA SER A 162 -12.82 -28.04 -25.44
C SER A 162 -11.85 -29.22 -25.43
N GLY A 163 -11.30 -29.53 -26.59
CA GLY A 163 -10.38 -30.64 -26.70
C GLY A 163 -9.13 -30.49 -25.86
N THR A 164 -8.79 -29.25 -25.50
CA THR A 164 -7.60 -28.99 -24.69
C THR A 164 -7.89 -28.01 -23.54
N ASN A 165 -8.65 -26.96 -23.83
CA ASN A 165 -8.99 -25.98 -22.79
C ASN A 165 -9.76 -26.68 -21.69
N ALA A 166 -9.71 -26.12 -20.49
CA ALA A 166 -10.45 -26.70 -19.38
C ALA A 166 -11.87 -26.13 -19.44
N SER A 167 -12.84 -27.01 -19.23
CA SER A 167 -14.24 -26.60 -19.20
C SER A 167 -14.87 -27.22 -17.97
N VAL A 168 -15.85 -26.54 -17.40
CA VAL A 168 -16.56 -27.06 -16.24
C VAL A 168 -18.03 -27.06 -16.60
N PHE A 169 -18.64 -28.24 -16.49
CA PHE A 169 -20.06 -28.36 -16.78
C PHE A 169 -20.83 -28.43 -15.46
N TRP A 170 -21.82 -27.57 -15.33
CA TRP A 170 -22.63 -27.53 -14.13
C TRP A 170 -24.06 -27.83 -14.51
N GLN A 171 -24.72 -28.61 -13.66
CA GLN A 171 -26.09 -28.98 -13.89
C GLN A 171 -26.93 -28.35 -12.78
N HIS A 172 -27.95 -27.60 -13.17
CA HIS A 172 -28.82 -26.97 -12.18
C HIS A 172 -29.31 -28.01 -11.19
N GLY A 173 -29.20 -27.70 -9.91
CA GLY A 173 -29.62 -28.63 -8.89
C GLY A 173 -28.41 -29.23 -8.18
N GLN A 174 -27.27 -29.25 -8.87
CA GLN A 174 -26.05 -29.78 -8.28
C GLN A 174 -25.34 -28.68 -7.51
N PRO A 175 -24.41 -29.03 -6.62
CA PRO A 175 -23.71 -28.00 -5.86
C PRO A 175 -22.91 -27.02 -6.71
N PHE A 176 -22.57 -25.88 -6.13
CA PHE A 176 -21.82 -24.84 -6.82
C PHE A 176 -20.47 -25.30 -7.33
N PRO A 177 -20.17 -25.03 -8.60
CA PRO A 177 -18.87 -25.47 -9.11
C PRO A 177 -17.70 -24.72 -8.45
N ARG A 178 -16.55 -25.40 -8.36
CA ARG A 178 -15.35 -24.82 -7.76
C ARG A 178 -14.11 -25.57 -8.20
N PHE A 179 -13.02 -24.85 -8.41
CA PHE A 179 -11.75 -25.46 -8.81
C PHE A 179 -10.60 -24.56 -8.41
N SER A 180 -9.39 -25.11 -8.42
CA SER A 180 -8.20 -24.34 -8.06
C SER A 180 -7.35 -24.02 -9.29
N LEU A 181 -6.60 -22.94 -9.19
CA LEU A 181 -5.71 -22.50 -10.26
C LEU A 181 -4.35 -22.22 -9.67
N PRO A 182 -3.28 -22.68 -10.33
CA PRO A 182 -1.93 -22.45 -9.84
C PRO A 182 -1.49 -21.05 -10.25
N PHE A 183 -0.49 -20.50 -9.56
CA PHE A 183 0.03 -19.18 -9.91
C PHE A 183 0.29 -19.17 -11.42
N LEU A 184 -0.44 -18.32 -12.15
CA LEU A 184 -0.42 -18.25 -13.61
C LEU A 184 0.54 -17.33 -14.38
N SER A 185 1.20 -16.41 -13.70
CA SER A 185 2.07 -15.46 -14.40
C SER A 185 3.32 -15.99 -15.05
N ILE A 186 3.80 -15.26 -16.05
CA ILE A 186 5.03 -15.62 -16.73
C ILE A 186 6.18 -15.00 -15.94
N ALA A 187 5.82 -14.20 -14.94
CA ALA A 187 6.79 -13.55 -14.05
C ALA A 187 6.74 -14.27 -12.70
N SER A 188 7.52 -13.80 -11.73
CA SER A 188 7.55 -14.45 -10.42
C SER A 188 6.40 -14.05 -9.51
N ALA A 189 5.74 -12.95 -9.84
CA ALA A 189 4.62 -12.49 -9.03
C ALA A 189 3.71 -11.64 -9.91
N TYR A 190 2.46 -11.49 -9.49
CA TYR A 190 1.52 -10.68 -10.25
C TYR A 190 1.83 -9.22 -9.95
N TYR A 191 1.69 -8.36 -10.95
CA TYR A 191 1.92 -6.93 -10.75
C TYR A 191 0.60 -6.32 -10.29
N MET A 192 0.58 -5.68 -9.13
CA MET A 192 -0.65 -5.03 -8.69
C MET A 192 -0.59 -3.65 -9.34
N PHE A 193 0.62 -3.18 -9.55
CA PHE A 193 0.88 -1.89 -10.20
C PHE A 193 2.06 -2.05 -11.15
N TYR A 194 2.06 -1.30 -12.24
CA TYR A 194 3.14 -1.38 -13.22
C TYR A 194 3.39 -0.03 -13.88
N ASP A 195 4.47 0.62 -13.50
CA ASP A 195 4.82 1.91 -14.08
C ASP A 195 5.63 1.68 -15.35
N GLY A 196 4.99 1.07 -16.34
CA GLY A 196 5.66 0.79 -17.60
C GLY A 196 4.68 0.70 -18.76
N TYR A 197 5.23 0.58 -19.96
CA TYR A 197 4.43 0.51 -21.17
C TYR A 197 4.78 -0.72 -21.99
N ASP A 198 4.06 -0.92 -23.08
CA ASP A 198 4.30 -2.06 -23.97
C ASP A 198 5.01 -1.54 -25.23
N GLY A 199 5.62 -0.37 -25.10
CA GLY A 199 6.33 0.25 -26.21
C GLY A 199 6.97 1.56 -25.76
N ASP A 200 7.43 2.38 -26.70
CA ASP A 200 8.05 3.65 -26.36
C ASP A 200 7.55 4.82 -27.18
N THR A 201 6.29 4.77 -27.60
CA THR A 201 5.71 5.84 -28.39
C THR A 201 4.49 6.44 -27.69
N TYR A 202 4.03 7.57 -28.19
CA TYR A 202 2.88 8.25 -27.59
C TYR A 202 1.64 7.36 -27.57
N LYS A 203 1.65 6.31 -28.38
CA LYS A 203 0.50 5.42 -28.42
C LYS A 203 0.65 4.08 -27.70
N SER A 204 1.71 3.92 -26.93
CA SER A 204 1.92 2.68 -26.18
C SER A 204 0.99 2.64 -24.96
N ARG A 205 0.54 1.45 -24.58
CA ARG A 205 -0.35 1.32 -23.43
C ARG A 205 0.42 1.41 -22.12
N TYR A 206 -0.23 1.93 -21.10
CA TYR A 206 0.38 2.13 -19.80
C TYR A 206 -0.35 1.34 -18.72
N GLY A 207 0.40 0.87 -17.72
CA GLY A 207 -0.24 0.14 -16.64
C GLY A 207 -0.30 -1.37 -16.74
N THR A 208 -0.97 -1.96 -15.76
CA THR A 208 -1.10 -3.42 -15.65
C THR A 208 -1.81 -4.11 -16.80
N VAL A 209 -2.48 -3.35 -17.66
CA VAL A 209 -3.16 -3.98 -18.79
C VAL A 209 -2.11 -4.62 -19.69
N VAL A 210 -0.87 -4.15 -19.56
CA VAL A 210 0.24 -4.64 -20.36
C VAL A 210 0.81 -5.95 -19.84
N THR A 211 0.70 -6.16 -18.54
CA THR A 211 1.28 -7.35 -17.92
C THR A 211 0.29 -8.36 -17.36
N ASN A 212 -0.97 -7.96 -17.19
CA ASN A 212 -1.96 -8.83 -16.58
C ASN A 212 -2.99 -9.52 -17.49
N ASP A 213 -2.62 -9.87 -18.71
CA ASP A 213 -3.58 -10.55 -19.59
C ASP A 213 -3.79 -11.95 -19.02
N MET A 214 -5.06 -12.33 -18.82
CA MET A 214 -5.38 -13.64 -18.27
C MET A 214 -6.25 -14.49 -19.18
N GLY A 215 -6.54 -14.00 -20.37
CA GLY A 215 -7.37 -14.77 -21.27
C GLY A 215 -8.86 -14.45 -21.18
N THR A 216 -9.68 -15.33 -21.71
CA THR A 216 -11.12 -15.12 -21.74
C THR A 216 -11.92 -16.27 -21.11
N LEU A 217 -12.98 -15.92 -20.39
CA LEU A 217 -13.84 -16.94 -19.79
C LEU A 217 -15.10 -16.97 -20.66
N CYS A 218 -15.26 -18.04 -21.43
CA CYS A 218 -16.42 -18.18 -22.29
C CYS A 218 -17.44 -19.09 -21.65
N SER A 219 -18.72 -18.76 -21.83
CA SER A 219 -19.77 -19.57 -21.23
C SER A 219 -21.01 -19.63 -22.13
N ARG A 220 -21.76 -20.71 -21.98
CA ARG A 220 -22.98 -20.89 -22.76
C ARG A 220 -23.93 -21.80 -22.02
N ILE A 221 -25.21 -21.71 -22.39
CA ILE A 221 -26.21 -22.58 -21.81
C ILE A 221 -26.10 -23.79 -22.75
N VAL A 222 -25.67 -24.92 -22.22
CA VAL A 222 -25.52 -26.11 -23.04
C VAL A 222 -26.90 -26.54 -23.57
N THR A 223 -27.90 -26.54 -22.69
CA THR A 223 -29.26 -26.91 -23.06
C THR A 223 -29.71 -26.15 -24.30
N SER A 224 -30.31 -26.85 -25.25
CA SER A 224 -30.78 -26.19 -26.47
C SER A 224 -32.02 -25.35 -26.16
N GLU A 225 -32.43 -24.51 -27.10
CA GLU A 225 -33.58 -23.62 -26.92
C GLU A 225 -34.82 -24.24 -26.30
N GLN A 226 -35.36 -23.58 -25.29
CA GLN A 226 -36.55 -24.03 -24.60
C GLN A 226 -37.68 -23.00 -24.78
N LEU A 227 -38.92 -23.45 -24.60
CA LEU A 227 -40.06 -22.58 -24.75
C LEU A 227 -39.99 -21.34 -23.86
N HIS A 228 -39.81 -21.55 -22.56
CA HIS A 228 -39.73 -20.44 -21.63
C HIS A 228 -38.33 -19.84 -21.53
N LYS A 229 -38.28 -18.52 -21.66
CA LYS A 229 -37.02 -17.79 -21.59
C LYS A 229 -36.51 -17.63 -20.16
N VAL A 230 -35.20 -17.77 -19.99
CA VAL A 230 -34.60 -17.63 -18.67
C VAL A 230 -33.49 -16.59 -18.72
N LYS A 231 -33.05 -16.17 -17.55
CA LYS A 231 -31.95 -15.24 -17.41
C LYS A 231 -31.01 -15.85 -16.40
N VAL A 232 -29.88 -16.36 -16.88
CA VAL A 232 -28.91 -16.98 -16.00
C VAL A 232 -27.80 -16.01 -15.65
N VAL A 233 -27.63 -15.76 -14.36
CA VAL A 233 -26.57 -14.87 -13.92
C VAL A 233 -25.59 -15.71 -13.13
N THR A 234 -24.36 -15.79 -13.61
CA THR A 234 -23.34 -16.56 -12.91
C THR A 234 -22.36 -15.58 -12.27
N ARG A 235 -22.30 -15.61 -10.94
CA ARG A 235 -21.40 -14.74 -10.21
C ARG A 235 -20.15 -15.54 -9.88
N ILE A 236 -18.99 -14.97 -10.23
CA ILE A 236 -17.71 -15.61 -10.00
C ILE A 236 -17.04 -15.10 -8.73
N TYR A 237 -16.57 -16.01 -7.89
CA TYR A 237 -15.89 -15.63 -6.64
C TYR A 237 -14.44 -16.08 -6.67
N HIS A 238 -13.55 -15.25 -6.15
CA HIS A 238 -12.14 -15.56 -6.14
C HIS A 238 -11.55 -15.43 -4.75
N LYS A 239 -10.56 -16.28 -4.49
CA LYS A 239 -9.87 -16.28 -3.20
C LYS A 239 -8.42 -16.67 -3.46
N ALA A 240 -7.50 -16.02 -2.75
CA ALA A 240 -6.09 -16.33 -2.91
C ALA A 240 -5.68 -17.39 -1.89
N LYS A 241 -4.87 -18.36 -2.31
CA LYS A 241 -4.39 -19.42 -1.42
C LYS A 241 -2.88 -19.50 -1.55
N HIS A 242 -2.20 -19.72 -0.42
CA HIS A 242 -0.74 -19.86 -0.45
C HIS A 242 -0.19 -18.54 -0.97
N THR A 243 -0.51 -17.47 -0.26
CA THR A 243 -0.15 -16.11 -0.66
C THR A 243 1.12 -15.45 -0.14
N LYS A 244 1.68 -14.58 -0.97
CA LYS A 244 2.85 -13.78 -0.64
C LYS A 244 2.65 -12.41 -1.27
N ALA A 245 2.98 -11.37 -0.52
CA ALA A 245 2.84 -10.01 -1.01
C ALA A 245 4.10 -9.22 -0.71
N TRP A 246 4.37 -8.21 -1.54
CA TRP A 246 5.57 -7.38 -1.37
C TRP A 246 5.31 -5.89 -1.53
N CYS A 247 6.07 -5.10 -0.79
CA CYS A 247 6.00 -3.64 -0.85
C CYS A 247 4.62 -3.06 -0.64
N PRO A 248 4.17 -2.97 0.63
CA PRO A 248 2.84 -2.41 0.95
C PRO A 248 2.73 -0.97 0.48
N ARG A 249 1.50 -0.55 0.16
CA ARG A 249 1.27 0.81 -0.30
C ARG A 249 0.00 1.44 0.24
N PRO A 250 -0.16 2.77 0.06
CA PRO A 250 -1.35 3.48 0.53
C PRO A 250 -2.64 2.88 -0.03
N PRO A 251 -3.68 2.77 0.80
CA PRO A 251 -4.96 2.21 0.32
C PRO A 251 -5.66 3.16 -0.66
N ARG A 252 -6.44 2.59 -1.58
CA ARG A 252 -7.18 3.41 -2.55
C ARG A 252 -8.02 4.40 -1.73
N ALA A 253 -7.83 5.70 -1.99
CA ALA A 253 -8.56 6.73 -1.25
C ALA A 253 -9.79 7.30 -1.96
N VAL A 254 -9.94 7.02 -3.25
CA VAL A 254 -11.08 7.50 -4.02
C VAL A 254 -11.67 6.34 -4.78
N GLN A 255 -12.89 6.50 -5.30
CA GLN A 255 -13.52 5.42 -6.05
C GLN A 255 -12.74 5.05 -7.30
N TYR A 256 -12.81 3.78 -7.68
CA TYR A 256 -12.15 3.31 -8.88
C TYR A 256 -13.03 3.75 -10.04
N SER A 257 -12.46 3.93 -11.21
CA SER A 257 -13.26 4.33 -12.35
C SER A 257 -13.10 3.33 -13.49
N HIS A 258 -11.89 2.79 -13.65
CA HIS A 258 -11.64 1.81 -14.72
C HIS A 258 -10.68 0.71 -14.32
N THR A 259 -10.62 -0.33 -15.14
CA THR A 259 -9.75 -1.47 -14.87
C THR A 259 -8.31 -1.24 -15.31
N HIS A 260 -7.38 -1.83 -14.58
CA HIS A 260 -5.95 -1.73 -14.88
C HIS A 260 -5.38 -0.33 -14.82
N THR A 261 -6.12 0.63 -14.28
CA THR A 261 -5.61 1.98 -14.20
C THR A 261 -5.97 2.63 -12.88
N THR A 262 -5.09 3.51 -12.42
CA THR A 262 -5.30 4.22 -11.17
C THR A 262 -6.07 5.51 -11.37
N ASN A 263 -6.52 5.76 -12.60
CA ASN A 263 -7.29 6.97 -12.89
C ASN A 263 -8.45 7.17 -11.91
N TYR A 264 -8.81 8.43 -11.69
CA TYR A 264 -9.90 8.74 -10.78
C TYR A 264 -10.56 10.04 -11.20
N LYS A 265 -11.69 10.36 -10.59
CA LYS A 265 -12.37 11.60 -10.91
C LYS A 265 -12.54 12.45 -9.66
N LEU A 266 -12.52 13.76 -9.83
CA LEU A 266 -12.69 14.70 -8.73
C LEU A 266 -13.84 15.64 -9.02
N SER A 267 -14.64 15.93 -8.00
CA SER A 267 -15.76 16.86 -8.16
C SER A 267 -15.26 18.25 -7.80
N SER A 268 -16.15 19.23 -7.82
CA SER A 268 -15.76 20.60 -7.48
C SER A 268 -15.51 20.73 -5.99
N GLU A 269 -16.05 19.81 -5.21
CA GLU A 269 -15.85 19.79 -3.76
C GLU A 269 -15.19 18.47 -3.39
N VAL A 270 -13.86 18.45 -3.46
CA VAL A 270 -13.10 17.24 -3.19
C VAL A 270 -13.32 16.51 -1.88
N HIS A 271 -13.81 17.19 -0.85
CA HIS A 271 -14.02 16.48 0.41
C HIS A 271 -15.09 15.41 0.25
N ASN A 272 -15.87 15.52 -0.82
CA ASN A 272 -16.91 14.53 -1.09
C ASN A 272 -16.33 13.32 -1.79
N ASP A 273 -15.13 13.45 -2.35
CA ASP A 273 -14.50 12.35 -3.06
C ASP A 273 -13.62 11.44 -2.21
N VAL A 274 -13.42 11.80 -0.94
CA VAL A 274 -12.61 10.99 -0.03
C VAL A 274 -13.36 10.71 1.27
N ALA A 275 -12.91 9.68 2.00
CA ALA A 275 -13.55 9.28 3.25
C ALA A 275 -13.32 10.26 4.39
N ILE A 276 -12.41 11.21 4.18
CA ILE A 276 -12.11 12.21 5.20
C ILE A 276 -13.35 13.06 5.46
N ARG A 277 -13.74 13.18 6.72
CA ARG A 277 -14.90 13.99 7.10
C ARG A 277 -14.41 15.34 7.59
N PRO A 278 -14.95 16.43 7.03
CA PRO A 278 -14.56 17.78 7.43
C PRO A 278 -14.68 18.02 8.94
N ARG A 279 -13.64 18.59 9.54
CA ARG A 279 -13.65 18.90 10.97
C ARG A 279 -14.12 20.33 11.15
N THR A 280 -14.86 20.58 12.23
CA THR A 280 -15.34 21.94 12.49
C THR A 280 -14.12 22.84 12.67
N ASN A 281 -13.14 22.35 13.40
CA ASN A 281 -11.89 23.07 13.66
C ASN A 281 -10.95 22.09 14.35
N LEU A 282 -9.72 22.53 14.62
CA LEU A 282 -8.72 21.68 15.24
C LEU A 282 -9.07 21.09 16.60
N THR A 283 -9.91 21.76 17.37
CA THR A 283 -10.23 21.28 18.70
C THR A 283 -11.62 20.66 18.91
N THR A 284 -12.33 20.36 17.83
CA THR A 284 -13.64 19.75 17.95
C THR A 284 -13.54 18.26 17.69
N VAL A 285 -13.57 17.47 18.76
CA VAL A 285 -13.47 16.02 18.64
C VAL A 285 -14.61 15.44 17.82
N SER B 10 30.95 11.51 14.28
CA SER B 10 29.63 12.19 14.43
C SER B 10 28.56 11.53 13.55
N ASP B 11 27.37 11.36 14.13
CA ASP B 11 26.26 10.74 13.43
C ASP B 11 25.49 11.75 12.58
N ARG B 12 25.97 12.99 12.54
CA ARG B 12 25.35 14.05 11.76
C ARG B 12 26.03 14.18 10.40
N ILE B 13 27.21 13.57 10.30
CA ILE B 13 28.02 13.63 9.09
C ILE B 13 27.93 12.35 8.26
N ILE B 14 28.09 12.49 6.94
CA ILE B 14 28.08 11.33 6.05
C ILE B 14 28.92 11.59 4.81
N GLN B 15 29.65 10.56 4.39
CA GLN B 15 30.45 10.65 3.18
C GLN B 15 30.07 9.42 2.36
N ILE B 16 29.66 9.65 1.12
CA ILE B 16 29.26 8.56 0.23
C ILE B 16 30.18 8.56 -0.99
N THR B 17 30.93 7.49 -1.17
CA THR B 17 31.82 7.38 -2.31
C THR B 17 31.35 6.32 -3.29
N ARG B 18 31.16 6.72 -4.54
CA ARG B 18 30.69 5.84 -5.60
C ARG B 18 31.53 6.14 -6.84
N GLY B 19 32.27 5.14 -7.31
CA GLY B 19 33.09 5.35 -8.49
C GLY B 19 34.09 6.46 -8.27
N ASP B 20 34.02 7.50 -9.08
CA ASP B 20 34.94 8.63 -8.96
C ASP B 20 34.27 9.83 -8.31
N SER B 21 33.20 9.56 -7.57
CA SER B 21 32.45 10.64 -6.92
C SER B 21 32.33 10.40 -5.43
N THR B 22 32.45 11.49 -4.68
CA THR B 22 32.32 11.45 -3.23
C THR B 22 31.43 12.62 -2.83
N ILE B 23 30.35 12.30 -2.13
CA ILE B 23 29.40 13.32 -1.69
C ILE B 23 29.43 13.41 -0.18
N THR B 24 29.28 14.62 0.35
CA THR B 24 29.28 14.83 1.79
C THR B 24 28.12 15.69 2.25
N SER B 25 27.79 15.54 3.53
CA SER B 25 26.74 16.30 4.18
C SER B 25 27.10 16.31 5.65
N GLN B 26 27.06 17.48 6.26
CA GLN B 26 27.40 17.61 7.67
C GLN B 26 26.16 17.72 8.55
N ASP B 27 25.00 17.44 7.97
CA ASP B 27 23.72 17.47 8.68
C ASP B 27 22.74 16.51 8.07
N VAL B 28 22.92 15.23 8.38
CA VAL B 28 22.06 14.19 7.86
C VAL B 28 21.12 13.70 8.94
N ALA B 29 20.11 12.93 8.54
CA ALA B 29 19.16 12.35 9.46
C ALA B 29 19.33 10.86 9.23
N ASN B 30 20.57 10.40 9.40
CA ASN B 30 20.89 9.00 9.20
C ASN B 30 20.69 8.72 7.72
N ALA B 31 20.43 7.46 7.37
CA ALA B 31 20.21 7.08 5.98
C ALA B 31 19.20 5.95 5.93
N VAL B 32 18.59 5.73 4.78
CA VAL B 32 17.61 4.66 4.66
C VAL B 32 17.97 3.64 3.60
N VAL B 33 17.80 2.37 3.94
CA VAL B 33 18.06 1.28 2.99
C VAL B 33 16.70 0.66 2.72
N GLY B 34 16.13 0.99 1.56
CA GLY B 34 14.82 0.46 1.20
C GLY B 34 14.59 -1.00 1.50
N TYR B 35 13.56 -1.28 2.28
CA TYR B 35 13.21 -2.64 2.66
C TYR B 35 14.37 -3.41 3.25
N GLY B 36 15.33 -2.67 3.81
CA GLY B 36 16.48 -3.29 4.44
C GLY B 36 17.29 -4.22 3.56
N VAL B 37 17.20 -4.04 2.25
CA VAL B 37 17.95 -4.89 1.35
C VAL B 37 18.95 -4.06 0.57
N TRP B 38 20.23 -4.39 0.71
CA TRP B 38 21.27 -3.66 0.01
C TRP B 38 21.38 -4.18 -1.42
N PRO B 39 21.55 -3.28 -2.39
CA PRO B 39 21.65 -3.71 -3.79
C PRO B 39 22.75 -4.74 -4.04
N HIS B 40 22.45 -5.72 -4.87
CA HIS B 40 23.39 -6.79 -5.19
C HIS B 40 23.14 -7.25 -6.62
N TYR B 41 24.14 -7.89 -7.22
CA TYR B 41 24.01 -8.39 -8.59
C TYR B 41 23.08 -9.59 -8.65
N LEU B 42 22.51 -9.81 -9.83
CA LEU B 42 21.58 -10.91 -10.07
C LEU B 42 22.31 -12.26 -9.95
N THR B 43 21.72 -13.19 -9.20
CA THR B 43 22.32 -14.50 -9.00
C THR B 43 21.82 -15.49 -10.04
N PRO B 44 22.57 -16.58 -10.25
CA PRO B 44 22.12 -17.56 -11.24
C PRO B 44 20.83 -18.28 -10.91
N GLN B 45 20.42 -18.28 -9.64
CA GLN B 45 19.17 -18.95 -9.26
C GLN B 45 17.96 -18.12 -9.65
N ASP B 46 18.11 -16.80 -9.65
CA ASP B 46 17.00 -15.93 -10.00
C ASP B 46 17.02 -15.44 -11.45
N ALA B 47 18.17 -15.55 -12.11
CA ALA B 47 18.30 -15.08 -13.49
C ALA B 47 17.49 -15.91 -14.49
N THR B 48 17.10 -15.29 -15.59
CA THR B 48 16.37 -15.99 -16.64
C THR B 48 17.06 -15.81 -18.00
N ALA B 49 17.47 -14.59 -18.31
CA ALA B 49 18.17 -14.31 -19.57
C ALA B 49 19.51 -15.06 -19.50
N ILE B 50 19.88 -15.75 -20.57
CA ILE B 50 21.10 -16.56 -20.54
C ILE B 50 22.43 -16.00 -21.03
N ASP B 51 22.45 -14.81 -21.62
CA ASP B 51 23.73 -14.27 -22.07
C ASP B 51 24.48 -13.61 -20.91
N LYS B 52 25.80 -13.61 -20.99
CA LYS B 52 26.64 -13.02 -19.96
C LYS B 52 26.34 -11.51 -19.91
N PRO B 53 26.02 -10.99 -18.71
CA PRO B 53 25.71 -9.56 -18.51
C PRO B 53 26.95 -8.69 -18.56
N THR B 54 26.75 -7.40 -18.84
CA THR B 54 27.85 -6.46 -18.86
C THR B 54 27.71 -5.65 -17.57
N GLN B 55 28.82 -5.43 -16.89
CA GLN B 55 28.81 -4.69 -15.63
C GLN B 55 29.84 -3.58 -15.67
N PRO B 56 29.43 -2.37 -16.10
CA PRO B 56 30.30 -1.20 -16.21
C PRO B 56 31.02 -0.81 -14.92
N ASP B 57 30.54 -1.32 -13.80
CA ASP B 57 31.15 -1.02 -12.51
C ASP B 57 31.30 0.48 -12.23
N THR B 58 32.51 0.95 -11.95
CA THR B 58 32.71 2.35 -11.62
C THR B 58 32.37 3.40 -12.68
N SER B 59 32.32 3.01 -13.95
CA SER B 59 31.99 3.98 -14.99
C SER B 59 30.49 4.24 -15.07
N SER B 60 29.69 3.43 -14.39
CA SER B 60 28.25 3.61 -14.38
C SER B 60 27.72 3.78 -12.96
N ASN B 61 28.38 3.14 -12.00
CA ASN B 61 27.98 3.21 -10.60
C ASN B 61 28.61 4.43 -9.92
N ARG B 62 28.21 5.61 -10.37
CA ARG B 62 28.74 6.87 -9.87
C ARG B 62 27.60 7.88 -9.72
N PHE B 63 27.83 8.94 -8.94
CA PHE B 63 26.80 9.95 -8.74
C PHE B 63 26.60 10.86 -9.95
N TYR B 64 25.35 10.98 -10.38
CA TYR B 64 24.99 11.84 -11.50
C TYR B 64 24.07 12.91 -10.92
N THR B 65 24.45 14.18 -11.07
CA THR B 65 23.65 15.25 -10.53
C THR B 65 22.71 15.81 -11.59
N LEU B 66 21.41 15.81 -11.27
CA LEU B 66 20.37 16.32 -12.17
C LEU B 66 20.30 17.84 -12.11
N ASP B 67 19.40 18.42 -12.89
CA ASP B 67 19.21 19.87 -12.88
C ASP B 67 18.62 20.26 -11.55
N SER B 68 19.12 21.33 -10.95
CA SER B 68 18.59 21.77 -9.67
C SER B 68 17.20 22.37 -9.86
N LYS B 69 16.43 22.39 -8.78
CA LYS B 69 15.09 22.97 -8.82
C LYS B 69 15.04 24.07 -7.78
N MET B 70 14.13 25.02 -7.95
CA MET B 70 14.02 26.11 -7.00
C MET B 70 12.79 25.91 -6.13
N TRP B 71 13.01 25.90 -4.82
CA TRP B 71 11.94 25.72 -3.86
C TRP B 71 11.49 27.08 -3.34
N ASN B 72 10.21 27.38 -3.47
CA ASN B 72 9.69 28.65 -2.97
C ASN B 72 8.38 28.42 -2.21
N SER B 73 7.87 29.49 -1.60
CA SER B 73 6.66 29.43 -0.79
C SER B 73 5.43 28.79 -1.43
N THR B 74 5.41 28.68 -2.74
CA THR B 74 4.24 28.08 -3.39
C THR B 74 4.49 26.72 -4.05
N SER B 75 5.70 26.21 -3.95
CA SER B 75 6.01 24.92 -4.57
C SER B 75 5.07 23.80 -4.13
N LYS B 76 4.56 23.06 -5.10
CA LYS B 76 3.67 21.95 -4.81
C LYS B 76 4.40 20.61 -4.81
N GLY B 77 5.62 20.59 -5.34
CA GLY B 77 6.39 19.36 -5.36
C GLY B 77 7.06 19.02 -6.68
N TRP B 78 7.79 17.91 -6.69
CA TRP B 78 8.52 17.45 -7.87
C TRP B 78 8.62 15.93 -7.88
N TRP B 79 8.71 15.32 -9.07
CA TRP B 79 8.92 13.89 -9.15
C TRP B 79 9.79 13.52 -10.35
N TRP B 80 10.54 12.43 -10.20
CA TRP B 80 11.42 11.93 -11.25
C TRP B 80 11.17 10.43 -11.29
N LYS B 81 11.51 9.80 -12.40
CA LYS B 81 11.34 8.36 -12.50
C LYS B 81 12.68 7.75 -12.91
N LEU B 82 12.99 6.59 -12.34
CA LEU B 82 14.23 5.90 -12.65
C LEU B 82 13.89 4.61 -13.37
N PRO B 83 14.72 4.20 -14.33
CA PRO B 83 15.96 4.89 -14.75
C PRO B 83 15.81 6.08 -15.71
N ASP B 84 14.58 6.43 -16.08
CA ASP B 84 14.35 7.54 -17.02
C ASP B 84 15.22 8.77 -16.74
N ALA B 85 15.23 9.22 -15.49
CA ALA B 85 16.00 10.40 -15.09
C ALA B 85 17.48 10.34 -15.47
N LEU B 86 18.03 9.14 -15.58
CA LEU B 86 19.44 8.99 -15.91
C LEU B 86 19.67 8.56 -17.35
N LYS B 87 18.63 8.61 -18.18
CA LYS B 87 18.76 8.16 -19.57
C LYS B 87 19.85 8.86 -20.35
N ASP B 88 20.22 10.06 -19.94
CA ASP B 88 21.26 10.79 -20.64
C ASP B 88 22.50 11.04 -19.80
N MET B 89 22.74 10.16 -18.83
CA MET B 89 23.89 10.29 -17.95
C MET B 89 25.04 9.33 -18.25
N GLY B 90 26.05 9.84 -18.94
CA GLY B 90 27.24 9.05 -19.28
C GLY B 90 27.05 7.60 -19.66
N ILE B 91 27.99 6.76 -19.24
CA ILE B 91 27.96 5.34 -19.55
C ILE B 91 26.68 4.63 -19.14
N PHE B 92 26.13 4.97 -17.98
CA PHE B 92 24.89 4.33 -17.55
C PHE B 92 23.81 4.55 -18.60
N GLY B 93 23.64 5.81 -19.00
CA GLY B 93 22.64 6.12 -20.01
C GLY B 93 22.87 5.36 -21.30
N GLU B 94 24.11 5.35 -21.76
CA GLU B 94 24.43 4.64 -23.00
C GLU B 94 24.01 3.18 -22.89
N ASN B 95 24.33 2.54 -21.77
CA ASN B 95 23.99 1.15 -21.59
C ASN B 95 22.52 0.83 -21.57
N MET B 96 21.68 1.75 -21.08
CA MET B 96 20.27 1.40 -21.06
C MET B 96 19.60 1.42 -22.41
N PHE B 97 20.26 2.00 -23.41
CA PHE B 97 19.67 2.04 -24.74
C PHE B 97 20.28 1.04 -25.73
N TYR B 98 21.51 0.61 -25.46
CA TYR B 98 22.19 -0.36 -26.32
C TYR B 98 21.74 -1.78 -25.98
N HIS B 99 21.19 -1.95 -24.78
CA HIS B 99 20.73 -3.26 -24.35
C HIS B 99 19.22 -3.31 -24.17
N PHE B 100 18.68 -4.51 -24.31
CA PHE B 100 17.25 -4.71 -24.14
C PHE B 100 16.94 -4.71 -22.64
N LEU B 101 17.79 -5.39 -21.88
CA LEU B 101 17.60 -5.52 -20.44
C LEU B 101 18.61 -4.80 -19.56
N GLY B 102 18.13 -4.29 -18.43
CA GLY B 102 18.97 -3.60 -17.47
C GLY B 102 18.50 -3.94 -16.08
N ARG B 103 19.36 -3.72 -15.10
CA ARG B 103 19.04 -4.00 -13.70
C ARG B 103 19.96 -3.14 -12.88
N SER B 104 19.39 -2.43 -11.90
CA SER B 104 20.20 -1.54 -11.09
C SER B 104 19.55 -1.15 -9.79
N GLY B 105 20.40 -0.81 -8.82
CA GLY B 105 19.93 -0.32 -7.53
C GLY B 105 20.36 1.14 -7.55
N TYR B 106 20.08 1.90 -6.49
CA TYR B 106 20.48 3.30 -6.49
C TYR B 106 20.75 3.87 -5.12
N THR B 107 21.55 4.93 -5.08
CA THR B 107 21.82 5.68 -3.88
C THR B 107 21.30 7.06 -4.28
N VAL B 108 20.20 7.48 -3.66
CA VAL B 108 19.60 8.77 -3.95
C VAL B 108 19.94 9.74 -2.84
N HIS B 109 20.64 10.82 -3.18
CA HIS B 109 21.03 11.82 -2.18
C HIS B 109 20.43 13.18 -2.54
N VAL B 110 19.39 13.60 -1.80
CA VAL B 110 18.75 14.87 -2.05
C VAL B 110 19.39 15.95 -1.18
N GLN B 111 19.69 17.07 -1.80
CA GLN B 111 20.36 18.16 -1.12
C GLN B 111 19.56 19.46 -1.05
N CYS B 112 19.50 20.05 0.15
CA CYS B 112 18.80 21.30 0.35
C CYS B 112 19.21 22.00 1.63
N ASN B 113 19.93 23.10 1.50
CA ASN B 113 20.36 23.85 2.68
C ASN B 113 19.74 25.25 2.66
N ALA B 114 19.59 25.83 3.84
CA ALA B 114 19.03 27.17 3.97
C ALA B 114 19.80 27.84 5.10
N SER B 115 19.13 28.10 6.22
CA SER B 115 19.79 28.71 7.36
C SER B 115 19.06 28.33 8.63
N LYS B 116 19.66 28.63 9.77
CA LYS B 116 19.04 28.34 11.05
C LYS B 116 17.88 29.30 11.30
N PHE B 117 17.55 30.12 10.32
CA PHE B 117 16.44 31.07 10.44
C PHE B 117 15.40 30.81 9.37
N HIS B 118 15.55 29.67 8.70
CA HIS B 118 14.61 29.24 7.68
C HIS B 118 13.85 28.06 8.27
N GLN B 119 12.71 27.76 7.70
CA GLN B 119 11.92 26.62 8.14
C GLN B 119 11.19 26.11 6.90
N GLY B 120 10.99 24.80 6.86
CA GLY B 120 10.32 24.19 5.73
C GLY B 120 10.57 22.71 5.84
N THR B 121 9.71 21.90 5.25
CA THR B 121 9.90 20.47 5.35
C THR B 121 9.54 19.74 4.06
N LEU B 122 10.47 18.92 3.60
CA LEU B 122 10.29 18.15 2.38
C LEU B 122 10.14 16.67 2.69
N LEU B 123 9.11 16.05 2.13
CA LEU B 123 8.91 14.61 2.29
C LEU B 123 9.58 14.00 1.06
N VAL B 124 10.64 13.23 1.27
CA VAL B 124 11.38 12.59 0.18
C VAL B 124 11.04 11.11 0.14
N VAL B 125 10.42 10.67 -0.95
CA VAL B 125 9.99 9.29 -1.08
C VAL B 125 10.45 8.55 -2.33
N MET B 126 10.69 7.26 -2.18
CA MET B 126 11.07 6.38 -3.29
C MET B 126 9.95 5.34 -3.40
N ILE B 127 9.16 5.45 -4.46
CA ILE B 127 8.02 4.56 -4.68
C ILE B 127 8.25 3.52 -5.76
N PRO B 128 8.01 2.23 -5.45
CA PRO B 128 8.21 1.20 -6.47
C PRO B 128 6.92 1.11 -7.29
N GLU B 129 7.05 0.95 -8.60
CA GLU B 129 5.88 0.87 -9.48
C GLU B 129 4.87 2.00 -9.20
N HIS B 130 5.32 3.24 -9.33
CA HIS B 130 4.41 4.38 -9.10
C HIS B 130 3.60 4.60 -10.39
N GLN B 131 2.55 3.82 -10.55
CA GLN B 131 1.70 3.91 -11.74
C GLN B 131 0.78 5.13 -11.64
N LEU B 132 1.13 6.18 -12.36
CA LEU B 132 0.37 7.43 -12.35
C LEU B 132 -1.03 7.33 -12.91
N ALA B 133 -1.89 8.24 -12.45
CA ALA B 133 -3.27 8.28 -12.90
C ALA B 133 -3.55 9.56 -13.67
N THR B 134 -4.71 9.60 -14.31
CA THR B 134 -5.16 10.79 -15.03
C THR B 134 -6.44 11.17 -14.30
N VAL B 135 -6.87 12.42 -14.42
CA VAL B 135 -8.06 12.85 -13.72
C VAL B 135 -9.19 13.29 -14.65
N ASN B 136 -10.37 12.74 -14.41
CA ASN B 136 -11.56 13.07 -15.19
C ASN B 136 -11.33 12.90 -16.68
N LYS B 137 -10.65 11.82 -17.06
CA LYS B 137 -10.38 11.57 -18.47
C LYS B 137 -10.71 10.14 -18.89
N GLY B 138 -11.68 9.54 -18.20
CA GLY B 138 -12.07 8.18 -18.53
C GLY B 138 -10.91 7.21 -18.42
N ASN B 139 -10.82 6.28 -19.36
CA ASN B 139 -9.75 5.30 -19.31
C ASN B 139 -8.48 5.70 -20.08
N VAL B 140 -8.31 6.99 -20.35
CA VAL B 140 -7.10 7.45 -21.03
C VAL B 140 -6.00 7.52 -19.99
N ASN B 141 -4.86 6.89 -20.25
CA ASN B 141 -3.77 6.90 -19.29
C ASN B 141 -2.64 7.86 -19.61
N ALA B 142 -1.76 8.05 -18.64
CA ALA B 142 -0.62 8.95 -18.78
C ALA B 142 0.26 8.52 -19.96
N GLY B 143 0.52 9.46 -20.87
CA GLY B 143 1.33 9.17 -22.04
C GLY B 143 2.80 8.93 -21.75
N TYR B 144 3.42 8.06 -22.55
CA TYR B 144 4.82 7.72 -22.38
C TYR B 144 5.70 8.97 -22.23
N LYS B 145 5.45 9.95 -23.08
CA LYS B 145 6.21 11.18 -23.06
C LYS B 145 6.20 11.85 -21.67
N TYR B 146 5.02 11.88 -21.05
CA TYR B 146 4.85 12.51 -19.75
C TYR B 146 5.45 11.79 -18.56
N THR B 147 5.65 10.48 -18.68
CA THR B 147 6.25 9.75 -17.56
C THR B 147 7.71 9.48 -17.86
N HIS B 148 8.24 10.18 -18.86
CA HIS B 148 9.64 10.04 -19.24
C HIS B 148 10.26 11.42 -19.45
N PRO B 149 10.11 12.32 -18.45
CA PRO B 149 10.63 13.69 -18.51
C PRO B 149 12.15 13.82 -18.46
N GLY B 150 12.85 12.76 -18.08
CA GLY B 150 14.29 12.84 -18.00
C GLY B 150 14.77 13.50 -16.73
N GLU B 151 16.01 14.00 -16.75
CA GLU B 151 16.60 14.66 -15.59
C GLU B 151 15.82 15.89 -15.12
N ALA B 152 15.05 16.47 -16.02
CA ALA B 152 14.26 17.66 -15.70
C ALA B 152 13.11 17.34 -14.75
N GLY B 153 12.65 16.09 -14.78
CA GLY B 153 11.55 15.69 -13.93
C GLY B 153 10.27 16.47 -14.23
N ARG B 154 9.35 16.43 -13.29
CA ARG B 154 8.09 17.13 -13.43
C ARG B 154 7.88 18.08 -12.26
N GLU B 155 7.52 19.32 -12.57
CA GLU B 155 7.26 20.34 -11.55
C GLU B 155 5.76 20.39 -11.34
N VAL B 156 5.30 19.92 -10.20
CA VAL B 156 3.87 19.91 -9.92
C VAL B 156 3.28 21.32 -9.95
N GLY B 157 2.17 21.47 -10.69
CA GLY B 157 1.49 22.73 -10.79
C GLY B 157 1.92 23.68 -11.89
N THR B 158 2.65 23.19 -12.89
CA THR B 158 3.11 24.08 -13.96
C THR B 158 2.59 23.70 -15.34
N GLN B 159 2.80 22.45 -15.73
CA GLN B 159 2.37 21.94 -17.03
C GLN B 159 0.96 22.35 -17.47
N VAL B 160 0.88 22.93 -18.66
CA VAL B 160 -0.40 23.34 -19.23
C VAL B 160 -1.07 22.07 -19.73
N GLU B 161 -2.07 21.62 -18.99
CA GLU B 161 -2.80 20.40 -19.29
C GLU B 161 -2.96 19.99 -20.76
N ASN B 162 -2.82 18.69 -20.98
CA ASN B 162 -2.93 18.01 -22.26
C ASN B 162 -3.72 16.74 -21.91
N GLU B 163 -4.43 16.15 -22.86
CA GLU B 163 -5.23 14.97 -22.55
C GLU B 163 -4.49 13.82 -21.87
N LYS B 164 -3.32 13.46 -22.39
CA LYS B 164 -2.55 12.35 -21.83
C LYS B 164 -1.66 12.76 -20.65
N GLN B 165 -1.89 13.94 -20.09
CA GLN B 165 -1.09 14.42 -18.97
C GLN B 165 -1.52 13.78 -17.65
N PRO B 166 -0.55 13.36 -16.82
CA PRO B 166 -0.81 12.71 -15.53
C PRO B 166 -1.45 13.63 -14.51
N SER B 167 -1.98 13.03 -13.45
CA SER B 167 -2.59 13.77 -12.35
C SER B 167 -1.52 14.63 -11.71
N ASP B 168 -1.89 15.82 -11.27
CA ASP B 168 -0.92 16.72 -10.65
C ASP B 168 -1.31 17.03 -9.21
N ASP B 169 -2.17 16.17 -8.65
CA ASP B 169 -2.64 16.34 -7.27
C ASP B 169 -1.67 15.72 -6.28
N ASN B 170 -0.86 16.56 -5.62
CA ASN B 170 0.08 16.01 -4.67
C ASN B 170 -0.58 15.37 -3.45
N TRP B 171 -1.74 15.88 -3.04
CA TRP B 171 -2.40 15.30 -1.87
C TRP B 171 -2.97 13.91 -2.15
N LEU B 172 -3.04 13.53 -3.42
CA LEU B 172 -3.55 12.21 -3.79
C LEU B 172 -2.45 11.33 -4.43
N ASN B 173 -1.19 11.69 -4.17
CA ASN B 173 -0.04 10.95 -4.68
C ASN B 173 -0.03 10.73 -6.17
N PHE B 174 -0.74 11.57 -6.91
CA PHE B 174 -0.81 11.47 -8.36
C PHE B 174 -1.32 10.10 -8.78
N ASP B 175 -1.93 9.35 -7.84
CA ASP B 175 -2.42 8.02 -8.16
C ASP B 175 -3.67 7.55 -7.42
N GLY B 176 -4.40 8.45 -6.78
CA GLY B 176 -5.61 8.07 -6.08
C GLY B 176 -5.45 7.58 -4.65
N THR B 177 -4.32 7.87 -4.03
CA THR B 177 -4.06 7.45 -2.64
C THR B 177 -3.65 8.70 -1.84
N LEU B 178 -3.90 8.69 -0.53
CA LEU B 178 -3.59 9.85 0.30
C LEU B 178 -2.11 10.05 0.66
N LEU B 179 -1.63 11.27 0.43
CA LEU B 179 -0.26 11.67 0.70
C LEU B 179 0.27 11.22 2.07
N GLY B 180 -0.56 11.39 3.09
CA GLY B 180 -0.16 11.03 4.43
C GLY B 180 0.35 9.61 4.61
N ASN B 181 0.03 8.73 3.65
CA ASN B 181 0.46 7.35 3.75
C ASN B 181 1.68 6.98 2.92
N LEU B 182 2.32 7.96 2.30
CA LEU B 182 3.51 7.66 1.51
C LEU B 182 4.63 7.12 2.41
N LEU B 183 4.55 7.43 3.70
CA LEU B 183 5.57 6.99 4.65
C LEU B 183 5.73 5.47 4.72
N ILE B 184 4.81 4.74 4.11
CA ILE B 184 4.90 3.28 4.10
C ILE B 184 5.95 2.85 3.08
N PHE B 185 6.40 3.79 2.26
CA PHE B 185 7.46 3.53 1.27
C PHE B 185 8.78 4.03 1.86
N PRO B 186 9.92 3.56 1.31
CA PRO B 186 11.19 4.05 1.85
C PRO B 186 11.15 5.57 1.76
N HIS B 187 11.48 6.28 2.84
CA HIS B 187 11.43 7.74 2.81
C HIS B 187 12.25 8.41 3.90
N GLN B 188 12.34 9.73 3.78
CA GLN B 188 13.01 10.57 4.76
C GLN B 188 12.38 11.96 4.62
N PHE B 189 12.69 12.83 5.57
CA PHE B 189 12.18 14.20 5.54
C PHE B 189 13.41 15.10 5.58
N ILE B 190 13.33 16.24 4.92
CA ILE B 190 14.42 17.18 5.01
C ILE B 190 13.73 18.33 5.73
N ASN B 191 13.94 18.37 7.04
CA ASN B 191 13.35 19.40 7.88
C ASN B 191 14.49 20.39 8.07
N LEU B 192 14.37 21.54 7.39
CA LEU B 192 15.41 22.55 7.43
C LEU B 192 16.07 22.81 8.77
N ARG B 193 15.32 22.69 9.86
CA ARG B 193 15.89 22.93 11.17
C ARG B 193 16.78 21.78 11.65
N SER B 194 16.65 20.61 11.01
CA SER B 194 17.42 19.44 11.42
C SER B 194 18.48 18.91 10.46
N ASN B 195 18.16 18.87 9.17
CA ASN B 195 19.10 18.33 8.20
C ASN B 195 19.09 19.09 6.90
N ASN B 196 20.16 18.94 6.12
CA ASN B 196 20.25 19.61 4.84
C ASN B 196 20.32 18.61 3.69
N SER B 197 20.04 17.35 3.99
CA SER B 197 20.06 16.31 2.95
C SER B 197 19.31 15.06 3.39
N ALA B 198 19.03 14.21 2.41
CA ALA B 198 18.35 12.94 2.64
C ALA B 198 19.10 11.90 1.83
N THR B 199 19.24 10.72 2.39
CA THR B 199 19.96 9.65 1.70
C THR B 199 19.18 8.34 1.72
N LEU B 200 18.82 7.87 0.54
CA LEU B 200 18.08 6.61 0.41
C LEU B 200 18.80 5.67 -0.53
N ILE B 201 19.02 4.45 -0.07
CA ILE B 201 19.70 3.44 -0.87
C ILE B 201 18.66 2.36 -1.14
N VAL B 202 18.28 2.19 -2.40
CA VAL B 202 17.28 1.18 -2.74
C VAL B 202 17.81 0.08 -3.64
N PRO B 203 17.37 -1.16 -3.39
CA PRO B 203 17.81 -2.32 -4.17
C PRO B 203 16.89 -2.42 -5.39
N TYR B 204 17.22 -3.33 -6.29
CA TYR B 204 16.40 -3.55 -7.46
C TYR B 204 15.13 -4.22 -6.96
N VAL B 205 13.98 -3.73 -7.40
CA VAL B 205 12.70 -4.29 -6.99
C VAL B 205 11.82 -4.46 -8.24
N ASN B 206 11.40 -5.69 -8.49
CA ASN B 206 10.59 -5.98 -9.67
C ASN B 206 10.14 -7.45 -9.57
N ALA B 207 9.14 -7.83 -10.37
CA ALA B 207 8.63 -9.20 -10.37
C ALA B 207 9.41 -10.08 -11.36
N VAL B 208 10.41 -9.48 -12.02
CA VAL B 208 11.29 -10.18 -12.97
C VAL B 208 12.72 -9.73 -12.64
N PRO B 209 13.71 -10.61 -12.83
CA PRO B 209 15.12 -10.32 -12.53
C PRO B 209 15.81 -9.17 -13.26
N MET B 210 15.35 -8.88 -14.48
CA MET B 210 15.89 -7.78 -15.30
C MET B 210 14.73 -7.26 -16.14
N ASP B 211 14.85 -6.05 -16.66
CA ASP B 211 13.74 -5.49 -17.42
C ASP B 211 14.21 -4.42 -18.41
N SER B 212 13.29 -3.96 -19.25
CA SER B 212 13.59 -2.92 -20.23
C SER B 212 13.75 -1.60 -19.51
N MET B 213 14.92 -0.98 -19.64
CA MET B 213 15.17 0.30 -18.98
C MET B 213 14.41 1.40 -19.70
N VAL B 214 13.99 1.12 -20.93
CA VAL B 214 13.28 2.12 -21.72
C VAL B 214 11.78 2.17 -21.47
N ARG B 215 11.14 1.02 -21.33
CA ARG B 215 9.70 1.08 -21.13
C ARG B 215 9.18 0.75 -19.74
N HIS B 216 10.08 0.58 -18.78
CA HIS B 216 9.64 0.30 -17.42
C HIS B 216 10.43 1.11 -16.39
N ASN B 217 9.76 2.03 -15.70
CA ASN B 217 10.41 2.82 -14.66
C ASN B 217 10.12 2.11 -13.33
N ASN B 218 11.16 1.52 -12.75
CA ASN B 218 11.03 0.77 -11.50
C ASN B 218 10.73 1.61 -10.27
N TRP B 219 11.49 2.69 -10.08
CA TRP B 219 11.30 3.56 -8.94
C TRP B 219 10.92 4.97 -9.38
N SER B 220 10.22 5.67 -8.49
CA SER B 220 9.82 7.05 -8.72
C SER B 220 10.25 7.83 -7.49
N LEU B 221 10.97 8.93 -7.71
CA LEU B 221 11.41 9.79 -6.61
C LEU B 221 10.43 10.95 -6.49
N VAL B 222 9.71 11.02 -5.38
CA VAL B 222 8.74 12.07 -5.15
C VAL B 222 9.17 12.98 -4.02
N ILE B 223 9.13 14.29 -4.26
CA ILE B 223 9.51 15.27 -3.26
C ILE B 223 8.37 16.28 -3.11
N ILE B 224 7.74 16.28 -1.93
CA ILE B 224 6.62 17.18 -1.67
C ILE B 224 6.87 18.05 -0.44
N PRO B 225 6.78 19.37 -0.61
CA PRO B 225 6.99 20.23 0.57
C PRO B 225 5.72 20.19 1.43
N VAL B 226 5.76 19.43 2.52
CA VAL B 226 4.63 19.30 3.42
C VAL B 226 4.52 20.47 4.41
N CYS B 227 5.66 21.07 4.71
CA CYS B 227 5.74 22.22 5.61
C CYS B 227 6.35 23.32 4.73
N GLN B 228 5.58 24.36 4.47
CA GLN B 228 5.99 25.49 3.61
C GLN B 228 7.31 26.21 3.94
N LEU B 229 8.06 26.57 2.91
CA LEU B 229 9.34 27.27 3.10
C LEU B 229 9.11 28.71 3.51
N GLN B 230 9.63 29.09 4.67
CA GLN B 230 9.46 30.45 5.16
C GLN B 230 10.72 30.98 5.84
N SER B 231 10.94 32.28 5.71
CA SER B 231 12.10 32.93 6.30
C SER B 231 11.91 34.43 6.14
N ASN B 232 12.79 35.21 6.75
CA ASN B 232 12.68 36.66 6.63
C ASN B 232 13.74 37.17 5.66
N ASN B 233 14.12 36.30 4.73
CA ASN B 233 15.09 36.64 3.71
C ASN B 233 14.72 35.84 2.46
N ILE B 234 13.49 36.04 2.00
CA ILE B 234 12.99 35.30 0.85
C ILE B 234 13.75 35.47 -0.46
N SER B 235 14.42 36.60 -0.64
CA SER B 235 15.15 36.83 -1.90
C SER B 235 16.27 35.81 -2.15
N ASN B 236 16.79 35.21 -1.09
CA ASN B 236 17.86 34.25 -1.24
C ASN B 236 17.25 32.93 -1.73
N ILE B 237 17.56 32.58 -2.98
CA ILE B 237 17.01 31.36 -3.57
C ILE B 237 17.48 30.10 -2.85
N VAL B 238 16.55 29.21 -2.56
CA VAL B 238 16.84 27.96 -1.89
C VAL B 238 16.61 26.82 -2.87
N PRO B 239 17.67 26.30 -3.50
CA PRO B 239 17.50 25.21 -4.46
C PRO B 239 17.39 23.84 -3.81
N ILE B 240 16.97 22.88 -4.61
CA ILE B 240 16.89 21.48 -4.17
C ILE B 240 17.68 20.77 -5.26
N THR B 241 18.68 19.99 -4.87
CA THR B 241 19.49 19.31 -5.86
C THR B 241 19.49 17.81 -5.63
N VAL B 242 19.39 17.05 -6.72
CA VAL B 242 19.35 15.59 -6.65
C VAL B 242 20.53 14.93 -7.32
N SER B 243 21.19 14.03 -6.58
CA SER B 243 22.33 13.28 -7.10
C SER B 243 22.02 11.80 -6.92
N ILE B 244 21.98 11.06 -8.03
CA ILE B 244 21.67 9.64 -7.99
C ILE B 244 22.82 8.81 -8.54
N SER B 245 23.14 7.72 -7.86
CA SER B 245 24.21 6.85 -8.31
C SER B 245 23.73 5.41 -8.47
N PRO B 246 23.85 4.87 -9.69
CA PRO B 246 23.42 3.49 -9.91
C PRO B 246 24.32 2.59 -9.04
N MET B 247 23.84 1.38 -8.74
CA MET B 247 24.61 0.44 -7.94
C MET B 247 24.41 -0.93 -8.55
N CYS B 248 25.51 -1.66 -8.77
CA CYS B 248 25.43 -2.99 -9.36
C CYS B 248 24.70 -2.95 -10.69
N ALA B 249 24.92 -1.88 -11.45
CA ALA B 249 24.26 -1.76 -12.75
C ALA B 249 24.77 -2.85 -13.66
N GLU B 250 23.86 -3.57 -14.30
CA GLU B 250 24.24 -4.61 -15.24
C GLU B 250 23.21 -4.66 -16.36
N PHE B 251 23.67 -4.92 -17.57
CA PHE B 251 22.80 -4.95 -18.74
C PHE B 251 22.98 -6.21 -19.55
N SER B 252 21.96 -6.56 -20.33
CA SER B 252 21.98 -7.77 -21.14
C SER B 252 21.21 -7.59 -22.45
N GLY B 253 21.52 -8.44 -23.44
CA GLY B 253 20.85 -8.36 -24.73
C GLY B 253 21.34 -7.17 -25.56
N ALA B 254 22.64 -7.13 -25.85
CA ALA B 254 23.22 -6.04 -26.61
C ALA B 254 22.80 -6.00 -28.08
N ARG B 255 22.79 -4.80 -28.66
CA ARG B 255 22.41 -4.62 -30.04
C ARG B 255 22.65 -3.15 -30.41
N ALA B 256 21.94 -2.66 -31.42
CA ALA B 256 22.09 -1.26 -31.82
C ALA B 256 21.49 -0.41 -30.71
N LYS B 257 21.69 0.90 -30.76
CA LYS B 257 21.16 1.79 -29.73
C LYS B 257 19.71 2.19 -30.04
N THR B 258 18.83 1.96 -29.07
CA THR B 258 17.43 2.32 -29.23
C THR B 258 17.27 3.83 -29.23
N VAL B 259 16.43 4.34 -30.13
CA VAL B 259 16.19 5.77 -30.21
C VAL B 259 14.70 6.03 -29.95
N VAL B 260 14.40 6.74 -28.87
CA VAL B 260 13.02 7.02 -28.51
C VAL B 260 12.42 8.26 -29.15
N GLN B 261 11.12 8.19 -29.45
CA GLN B 261 10.35 9.26 -30.08
C GLN B 261 10.48 9.23 -31.60
N GLY C 1 -21.09 -49.84 -0.73
CA GLY C 1 -20.07 -48.82 -0.35
C GLY C 1 -20.14 -48.42 1.12
N LEU C 2 -19.26 -47.52 1.53
CA LEU C 2 -19.23 -47.04 2.91
C LEU C 2 -20.47 -46.20 3.21
N PRO C 3 -21.27 -46.61 4.21
CA PRO C 3 -22.46 -45.82 4.53
C PRO C 3 -22.09 -44.44 5.07
N VAL C 4 -22.71 -43.40 4.54
CA VAL C 4 -22.42 -42.03 4.96
C VAL C 4 -23.69 -41.28 5.34
N TYR C 5 -23.52 -40.25 6.17
CA TYR C 5 -24.62 -39.42 6.62
C TYR C 5 -24.29 -37.98 6.21
N VAL C 6 -24.98 -37.49 5.20
CA VAL C 6 -24.76 -36.13 4.72
C VAL C 6 -25.19 -35.14 5.80
N THR C 7 -24.24 -34.36 6.31
CA THR C 7 -24.52 -33.40 7.37
C THR C 7 -24.98 -32.03 6.92
N PRO C 8 -25.76 -31.34 7.78
CA PRO C 8 -26.25 -30.00 7.45
C PRO C 8 -25.04 -29.16 7.09
N GLY C 9 -25.21 -28.26 6.11
CA GLY C 9 -24.10 -27.42 5.68
C GLY C 9 -23.55 -27.90 4.36
N SER C 10 -23.77 -29.19 4.07
CA SER C 10 -23.29 -29.77 2.82
C SER C 10 -23.80 -29.00 1.61
N GLY C 11 -22.99 -29.00 0.55
CA GLY C 11 -23.37 -28.33 -0.68
C GLY C 11 -23.41 -26.83 -0.63
N GLN C 12 -23.26 -26.26 0.57
CA GLN C 12 -23.30 -24.81 0.72
C GLN C 12 -21.97 -24.19 0.31
N PHE C 13 -22.01 -22.90 0.01
CA PHE C 13 -20.80 -22.18 -0.33
C PHE C 13 -20.64 -21.05 0.68
N MET C 14 -19.67 -21.22 1.57
CA MET C 14 -19.39 -20.19 2.56
C MET C 14 -18.09 -19.51 2.10
N THR C 15 -18.17 -18.20 1.83
CA THR C 15 -17.00 -17.47 1.34
C THR C 15 -15.77 -17.55 2.20
N THR C 16 -15.90 -18.03 3.44
CA THR C 16 -14.74 -18.13 4.32
C THR C 16 -14.40 -19.58 4.65
N ASP C 17 -14.93 -20.52 3.90
CA ASP C 17 -14.63 -21.92 4.16
C ASP C 17 -13.19 -22.20 3.72
N ASP C 18 -12.67 -23.37 4.09
CA ASP C 18 -11.33 -23.71 3.72
C ASP C 18 -11.27 -25.16 3.26
N MET C 19 -11.72 -25.37 2.02
CA MET C 19 -11.73 -26.71 1.44
C MET C 19 -10.69 -26.81 0.32
N GLN C 20 -10.52 -28.03 -0.17
CA GLN C 20 -9.61 -28.30 -1.27
C GLN C 20 -10.48 -28.47 -2.51
N SER C 21 -9.90 -28.29 -3.68
CA SER C 21 -10.63 -28.45 -4.93
C SER C 21 -9.69 -28.87 -6.06
N PRO C 22 -10.21 -29.63 -7.03
CA PRO C 22 -9.38 -30.09 -8.15
C PRO C 22 -8.80 -28.93 -8.93
N CYS C 23 -7.58 -29.11 -9.42
CA CYS C 23 -6.89 -28.06 -10.18
C CYS C 23 -7.27 -28.11 -11.65
N ALA C 24 -7.67 -26.98 -12.20
CA ALA C 24 -8.09 -26.91 -13.60
C ALA C 24 -6.91 -26.99 -14.58
N LEU C 25 -5.70 -26.77 -14.07
CA LEU C 25 -4.52 -26.84 -14.93
C LEU C 25 -3.56 -27.92 -14.43
N PRO C 26 -3.92 -29.19 -14.64
CA PRO C 26 -3.05 -30.28 -14.18
C PRO C 26 -1.69 -30.27 -14.88
N TRP C 27 -0.66 -30.67 -14.14
CA TRP C 27 0.71 -30.72 -14.66
C TRP C 27 1.39 -29.36 -14.86
N TYR C 28 0.63 -28.28 -14.68
CA TYR C 28 1.21 -26.95 -14.85
C TYR C 28 2.25 -26.64 -13.78
N HIS C 29 3.42 -26.16 -14.20
CA HIS C 29 4.47 -25.82 -13.25
C HIS C 29 4.65 -24.30 -13.19
N PRO C 30 4.34 -23.70 -12.04
CA PRO C 30 4.45 -22.25 -11.80
C PRO C 30 5.86 -21.72 -11.98
N THR C 31 5.94 -20.44 -12.34
CA THR C 31 7.23 -19.79 -12.54
C THR C 31 8.06 -19.79 -11.26
N LYS C 32 9.36 -20.07 -11.39
CA LYS C 32 10.24 -20.10 -10.22
C LYS C 32 10.08 -18.79 -9.47
N GLU C 33 10.09 -18.87 -8.14
CA GLU C 33 9.95 -17.70 -7.32
C GLU C 33 11.32 -17.05 -7.14
N ILE C 34 11.41 -15.72 -7.31
CA ILE C 34 12.69 -15.04 -7.13
C ILE C 34 12.61 -14.14 -5.92
N PHE C 35 13.77 -13.74 -5.40
CA PHE C 35 13.77 -12.86 -4.25
C PHE C 35 13.35 -11.46 -4.63
N ILE C 36 12.39 -10.92 -3.88
CA ILE C 36 11.92 -9.57 -4.11
C ILE C 36 11.99 -8.88 -2.76
N PRO C 37 12.67 -7.73 -2.69
CA PRO C 37 12.77 -7.02 -1.42
C PRO C 37 11.39 -6.53 -0.96
N GLY C 38 11.20 -6.36 0.34
CA GLY C 38 9.95 -5.84 0.84
C GLY C 38 8.78 -6.78 1.10
N GLU C 39 9.03 -8.07 1.23
CA GLU C 39 7.91 -8.98 1.50
C GLU C 39 7.23 -8.68 2.83
N VAL C 40 5.90 -8.77 2.84
CA VAL C 40 5.11 -8.55 4.04
C VAL C 40 4.43 -9.88 4.34
N LYS C 41 4.47 -10.33 5.59
CA LYS C 41 3.83 -11.58 5.95
C LYS C 41 2.61 -11.40 6.83
N ASN C 42 2.55 -10.27 7.52
CA ASN C 42 1.44 -9.98 8.41
C ASN C 42 1.17 -8.48 8.40
N LEU C 43 -0.10 -8.10 8.39
CA LEU C 43 -0.49 -6.68 8.36
C LEU C 43 0.02 -5.89 9.57
N ILE C 44 0.36 -6.59 10.65
CA ILE C 44 0.86 -5.89 11.83
C ILE C 44 2.10 -5.10 11.42
N GLU C 45 2.85 -5.62 10.46
CA GLU C 45 4.06 -4.98 9.97
C GLU C 45 3.75 -3.58 9.45
N MET C 46 2.60 -3.43 8.82
CA MET C 46 2.20 -2.13 8.28
C MET C 46 1.62 -1.22 9.37
N CYS C 47 1.06 -1.82 10.41
CA CYS C 47 0.49 -1.04 11.50
C CYS C 47 1.55 -0.41 12.37
N GLN C 48 2.77 -0.94 12.29
CA GLN C 48 3.87 -0.44 13.10
C GLN C 48 4.66 0.68 12.44
N VAL C 49 4.25 1.08 11.25
CA VAL C 49 4.93 2.15 10.52
C VAL C 49 4.17 3.47 10.65
N ASP C 50 4.86 4.54 11.00
CA ASP C 50 4.21 5.84 11.13
C ASP C 50 3.67 6.34 9.80
N THR C 51 2.53 7.01 9.85
CA THR C 51 1.92 7.65 8.68
C THR C 51 1.30 8.92 9.24
N LEU C 52 1.20 9.96 8.41
CA LEU C 52 0.66 11.25 8.84
C LEU C 52 -0.83 11.29 9.12
N ILE C 53 -1.23 12.05 10.13
CA ILE C 53 -2.63 12.20 10.50
C ILE C 53 -3.18 13.48 9.86
N PRO C 54 -4.27 13.38 9.07
CA PRO C 54 -4.82 14.59 8.44
C PRO C 54 -5.61 15.32 9.54
N ILE C 55 -4.92 15.57 10.64
CA ILE C 55 -5.48 16.20 11.82
C ILE C 55 -6.12 17.56 11.60
N ASN C 56 -5.66 18.30 10.59
CA ASN C 56 -6.20 19.62 10.32
C ASN C 56 -7.12 19.58 9.10
N SER C 57 -7.89 18.50 9.00
CA SER C 57 -8.79 18.33 7.88
C SER C 57 -10.14 19.07 7.99
N THR C 58 -10.06 20.40 8.06
CA THR C 58 -11.27 21.22 8.10
C THR C 58 -11.71 21.25 6.64
N GLN C 59 -12.97 21.61 6.39
CA GLN C 59 -13.44 21.63 5.02
C GLN C 59 -12.55 22.43 4.07
N SER C 60 -12.07 23.57 4.53
CA SER C 60 -11.22 24.41 3.69
C SER C 60 -9.82 23.84 3.48
N ASN C 61 -9.39 22.92 4.33
CA ASN C 61 -8.05 22.34 4.17
C ASN C 61 -8.01 21.03 3.38
N ILE C 62 -9.08 20.25 3.46
CA ILE C 62 -9.11 18.98 2.75
C ILE C 62 -8.79 19.19 1.28
N GLY C 63 -7.88 18.38 0.74
CA GLY C 63 -7.50 18.52 -0.64
C GLY C 63 -6.25 19.36 -0.78
N ASN C 64 -5.62 19.65 0.36
CA ASN C 64 -4.40 20.45 0.39
C ASN C 64 -3.45 19.83 1.41
N VAL C 65 -2.15 19.98 1.22
CA VAL C 65 -1.21 19.38 2.17
C VAL C 65 -1.38 19.96 3.57
N SER C 66 -1.88 21.18 3.64
CA SER C 66 -2.07 21.84 4.92
C SER C 66 -3.00 21.08 5.85
N MET C 67 -3.76 20.11 5.32
CA MET C 67 -4.66 19.34 6.16
C MET C 67 -3.85 18.44 7.08
N TYR C 68 -2.56 18.33 6.81
CA TYR C 68 -1.67 17.50 7.60
C TYR C 68 -0.85 18.24 8.65
N THR C 69 -0.88 19.57 8.61
CA THR C 69 -0.09 20.34 9.57
C THR C 69 -0.89 21.18 10.56
N VAL C 70 -0.32 21.39 11.73
CA VAL C 70 -0.93 22.20 12.78
C VAL C 70 -0.01 23.40 13.00
N THR C 71 -0.58 24.61 12.96
CA THR C 71 0.22 25.81 13.13
C THR C 71 0.38 26.26 14.58
N LEU C 72 1.61 26.62 14.93
CA LEU C 72 1.95 27.10 16.26
C LEU C 72 2.43 28.54 16.15
N SER C 73 2.30 29.31 17.22
CA SER C 73 2.72 30.71 17.19
C SER C 73 2.74 31.32 18.58
N PRO C 74 3.37 32.50 18.73
CA PRO C 74 3.43 33.19 20.03
C PRO C 74 2.03 33.48 20.54
N GLN C 75 1.76 33.10 21.79
CA GLN C 75 0.45 33.29 22.40
C GLN C 75 0.38 34.51 23.31
N THR C 76 -0.82 35.07 23.46
CA THR C 76 -0.99 36.22 24.34
C THR C 76 -1.70 35.76 25.60
N LYS C 77 -2.35 34.60 25.53
CA LYS C 77 -3.02 34.00 26.68
C LYS C 77 -2.27 32.71 27.00
N LEU C 78 -2.11 32.39 28.27
CA LEU C 78 -1.40 31.19 28.68
C LEU C 78 -2.18 29.89 28.54
N ALA C 79 -1.43 28.78 28.45
CA ALA C 79 -2.01 27.44 28.36
C ALA C 79 -3.13 27.22 27.35
N GLU C 80 -3.04 27.86 26.19
CA GLU C 80 -4.06 27.71 25.15
C GLU C 80 -4.09 26.30 24.56
N GLU C 81 -5.26 25.87 24.10
CA GLU C 81 -5.45 24.55 23.50
C GLU C 81 -4.97 24.61 22.05
N ILE C 82 -4.28 23.55 21.61
CA ILE C 82 -3.74 23.49 20.26
C ILE C 82 -4.54 22.57 19.32
N PHE C 83 -4.89 21.38 19.80
CA PHE C 83 -5.70 20.45 19.01
C PHE C 83 -6.34 19.43 19.93
N ALA C 84 -7.36 18.73 19.43
CA ALA C 84 -8.03 17.71 20.22
C ALA C 84 -8.76 16.74 19.30
N ILE C 85 -8.50 15.45 19.47
CA ILE C 85 -9.14 14.43 18.66
C ILE C 85 -9.39 13.17 19.49
N LYS C 86 -10.26 12.30 18.99
CA LYS C 86 -10.54 11.06 19.69
C LYS C 86 -9.37 10.11 19.44
N VAL C 87 -9.13 9.22 20.39
CA VAL C 87 -8.04 8.26 20.29
C VAL C 87 -8.43 7.05 19.43
N ASP C 88 -9.72 6.75 19.39
CA ASP C 88 -10.24 5.62 18.63
C ASP C 88 -9.55 5.50 17.27
N ILE C 89 -8.80 4.41 17.13
CA ILE C 89 -8.02 4.15 15.93
C ILE C 89 -8.73 4.26 14.58
N ALA C 90 -10.04 4.06 14.56
CA ALA C 90 -10.78 4.14 13.30
C ALA C 90 -11.74 5.31 13.20
N SER C 91 -11.65 6.25 14.13
CA SER C 91 -12.51 7.43 14.09
C SER C 91 -11.82 8.52 13.28
N HIS C 92 -12.54 9.59 12.98
CA HIS C 92 -11.95 10.68 12.22
C HIS C 92 -11.31 11.64 13.22
N PRO C 93 -10.15 12.24 12.87
CA PRO C 93 -9.37 12.15 11.63
C PRO C 93 -8.37 11.00 11.49
N LEU C 94 -8.34 10.07 12.43
CA LEU C 94 -7.40 8.95 12.35
C LEU C 94 -7.76 7.92 11.26
N ALA C 95 -9.04 7.86 10.91
CA ALA C 95 -9.55 6.91 9.92
C ALA C 95 -8.68 6.63 8.68
N THR C 96 -8.32 7.65 7.92
CA THR C 96 -7.54 7.43 6.70
C THR C 96 -6.03 7.20 6.84
N THR C 97 -5.53 7.13 8.07
CA THR C 97 -4.11 6.85 8.26
C THR C 97 -3.96 5.37 7.91
N LEU C 98 -2.73 4.91 7.65
CA LEU C 98 -2.57 3.51 7.30
C LEU C 98 -3.11 2.56 8.37
N ILE C 99 -2.79 2.83 9.64
CA ILE C 99 -3.27 1.98 10.72
C ILE C 99 -4.79 2.11 10.87
N GLY C 100 -5.32 3.29 10.57
CA GLY C 100 -6.74 3.48 10.68
C GLY C 100 -7.46 2.74 9.56
N GLU C 101 -6.87 2.77 8.36
CA GLU C 101 -7.45 2.09 7.21
C GLU C 101 -7.45 0.58 7.43
N ILE C 102 -6.35 0.06 7.97
CA ILE C 102 -6.24 -1.38 8.22
C ILE C 102 -7.20 -1.78 9.34
N ALA C 103 -7.31 -0.92 10.34
CA ALA C 103 -8.21 -1.19 11.46
C ALA C 103 -9.64 -1.27 10.95
N SER C 104 -9.93 -0.52 9.89
CA SER C 104 -11.27 -0.51 9.32
C SER C 104 -11.61 -1.80 8.56
N TYR C 105 -10.66 -2.74 8.49
CA TYR C 105 -10.89 -4.02 7.82
C TYR C 105 -11.13 -5.08 8.89
N PHE C 106 -11.22 -4.65 10.14
CA PHE C 106 -11.47 -5.54 11.27
C PHE C 106 -12.52 -4.94 12.18
N THR C 107 -13.13 -5.78 13.02
CA THR C 107 -14.19 -5.30 13.92
C THR C 107 -13.70 -4.92 15.32
N HIS C 108 -12.62 -5.56 15.76
CA HIS C 108 -12.07 -5.32 17.09
C HIS C 108 -10.63 -4.86 17.08
N TRP C 109 -10.25 -4.09 18.09
CA TRP C 109 -8.87 -3.67 18.21
C TRP C 109 -8.46 -3.65 19.68
N THR C 110 -7.16 -3.66 19.93
CA THR C 110 -6.63 -3.62 21.28
C THR C 110 -5.18 -3.18 21.17
N GLY C 111 -4.57 -2.83 22.31
CA GLY C 111 -3.18 -2.43 22.29
C GLY C 111 -2.95 -0.94 22.46
N SER C 112 -1.68 -0.57 22.61
CA SER C 112 -1.29 0.82 22.81
C SER C 112 -0.95 1.52 21.50
N LEU C 113 -1.35 2.78 21.40
CA LEU C 113 -1.11 3.60 20.21
C LEU C 113 0.05 4.57 20.39
N ARG C 114 0.82 4.77 19.33
CA ARG C 114 1.97 5.66 19.36
C ARG C 114 1.77 6.90 18.50
N PHE C 115 1.63 8.05 19.16
CA PHE C 115 1.45 9.32 18.46
C PHE C 115 2.74 10.10 18.50
N SER C 116 3.23 10.53 17.34
CA SER C 116 4.47 11.29 17.30
C SER C 116 4.26 12.65 16.67
N PHE C 117 5.10 13.61 17.06
CA PHE C 117 4.99 14.96 16.54
C PHE C 117 6.35 15.53 16.20
N MET C 118 6.48 16.05 14.98
CA MET C 118 7.72 16.64 14.53
C MET C 118 7.56 18.15 14.34
N PHE C 119 8.38 18.92 15.06
CA PHE C 119 8.31 20.37 14.98
C PHE C 119 9.00 20.80 13.67
N CYS C 120 8.28 21.58 12.88
CA CYS C 120 8.76 22.03 11.58
C CYS C 120 9.29 23.49 11.57
N GLY C 121 9.36 24.14 12.73
CA GLY C 121 9.84 25.52 12.76
C GLY C 121 11.34 25.68 12.54
N THR C 122 11.88 26.90 12.71
CA THR C 122 13.31 27.13 12.51
C THR C 122 14.13 26.59 13.68
N ALA C 123 15.42 26.42 13.46
CA ALA C 123 16.32 25.92 14.50
C ALA C 123 16.42 26.87 15.68
N ASN C 124 16.05 28.13 15.49
CA ASN C 124 16.10 29.11 16.58
C ASN C 124 14.76 29.31 17.26
N THR C 125 13.76 28.51 16.88
CA THR C 125 12.43 28.61 17.46
C THR C 125 12.32 27.61 18.61
N THR C 126 11.93 28.09 19.79
CA THR C 126 11.78 27.21 20.95
C THR C 126 10.31 27.07 21.31
N LEU C 127 10.00 26.01 22.07
CA LEU C 127 8.63 25.75 22.47
C LEU C 127 8.52 24.56 23.43
N LYS C 128 7.58 24.65 24.37
CA LYS C 128 7.30 23.57 25.29
C LYS C 128 5.79 23.37 25.18
N VAL C 129 5.40 22.14 24.93
CA VAL C 129 4.00 21.79 24.75
C VAL C 129 3.63 20.58 25.60
N LEU C 130 2.36 20.49 26.00
CA LEU C 130 1.90 19.36 26.81
C LEU C 130 0.90 18.51 26.02
N LEU C 131 1.27 17.26 25.78
CA LEU C 131 0.43 16.32 25.04
C LEU C 131 -0.22 15.38 26.05
N ALA C 132 -1.56 15.34 26.06
CA ALA C 132 -2.26 14.52 27.04
C ALA C 132 -3.28 13.52 26.50
N TYR C 133 -3.37 12.38 27.19
CA TYR C 133 -4.33 11.34 26.86
C TYR C 133 -5.33 11.26 28.01
N THR C 134 -6.60 11.47 27.71
CA THR C 134 -7.63 11.41 28.74
C THR C 134 -8.39 10.09 28.63
N PRO C 135 -8.21 9.18 29.60
CA PRO C 135 -8.91 7.89 29.56
C PRO C 135 -10.40 8.19 29.61
N PRO C 136 -11.24 7.30 29.09
CA PRO C 136 -12.69 7.47 29.09
C PRO C 136 -13.42 7.60 30.43
N GLY C 137 -14.72 7.86 30.36
CA GLY C 137 -15.52 8.01 31.56
C GLY C 137 -15.60 9.46 32.00
N ILE C 138 -15.18 10.36 31.13
CA ILE C 138 -15.18 11.80 31.42
C ILE C 138 -15.11 12.54 30.09
N GLY C 139 -15.58 13.79 30.06
CA GLY C 139 -15.53 14.56 28.82
C GLY C 139 -14.12 15.02 28.49
N LYS C 140 -13.88 15.52 27.28
CA LYS C 140 -12.53 15.97 26.97
C LYS C 140 -12.20 17.12 27.92
N PRO C 141 -10.94 17.23 28.34
CA PRO C 141 -10.54 18.31 29.23
C PRO C 141 -10.78 19.69 28.65
N ARG C 142 -11.26 20.61 29.48
CA ARG C 142 -11.56 21.96 29.04
C ARG C 142 -10.41 22.91 29.31
N SER C 143 -9.33 22.40 29.90
CA SER C 143 -8.17 23.23 30.21
C SER C 143 -6.92 22.38 30.32
N ARG C 144 -5.76 23.03 30.29
CA ARG C 144 -4.52 22.29 30.41
C ARG C 144 -4.47 21.61 31.77
N LYS C 145 -4.89 22.32 32.80
CA LYS C 145 -4.87 21.74 34.13
C LYS C 145 -5.70 20.47 34.19
N GLU C 146 -6.85 20.51 33.54
CA GLU C 146 -7.74 19.37 33.52
C GLU C 146 -7.14 18.20 32.75
N ALA C 147 -6.46 18.50 31.64
CA ALA C 147 -5.84 17.47 30.81
C ALA C 147 -4.61 16.85 31.47
N MET C 148 -3.77 17.72 32.02
CA MET C 148 -2.54 17.35 32.69
C MET C 148 -2.71 16.28 33.79
N LEU C 149 -3.91 16.15 34.33
CA LEU C 149 -4.18 15.17 35.37
C LEU C 149 -4.20 13.73 34.84
N GLY C 150 -4.25 13.60 33.52
CA GLY C 150 -4.25 12.28 32.92
C GLY C 150 -2.88 11.90 32.42
N THR C 151 -2.81 10.93 31.53
CA THR C 151 -1.53 10.47 30.96
C THR C 151 -1.02 11.58 30.04
N HIS C 152 0.23 11.99 30.24
CA HIS C 152 0.77 13.03 29.38
C HIS C 152 2.28 13.07 29.27
N VAL C 153 2.75 13.83 28.28
CA VAL C 153 4.17 14.02 28.03
C VAL C 153 4.40 15.52 27.81
N VAL C 154 5.41 16.08 28.46
CA VAL C 154 5.72 17.49 28.26
C VAL C 154 6.86 17.47 27.25
N TRP C 155 6.60 18.04 26.08
CA TRP C 155 7.56 18.06 24.99
C TRP C 155 8.37 19.34 24.90
N ASP C 156 9.69 19.20 24.97
CA ASP C 156 10.56 20.36 24.85
C ASP C 156 11.19 20.32 23.47
N VAL C 157 10.97 21.36 22.68
CA VAL C 157 11.53 21.41 21.33
C VAL C 157 13.03 21.70 21.37
N GLY C 158 13.81 20.87 20.69
CA GLY C 158 15.25 21.04 20.66
C GLY C 158 15.89 20.36 19.47
N LEU C 159 17.13 19.89 19.63
CA LEU C 159 17.84 19.24 18.53
C LEU C 159 17.05 18.09 17.94
N GLN C 160 16.43 17.29 18.80
CA GLN C 160 15.61 16.19 18.33
C GLN C 160 14.26 16.78 18.02
N SER C 161 13.91 16.76 16.74
CA SER C 161 12.68 17.34 16.25
C SER C 161 11.38 16.65 16.64
N THR C 162 11.44 15.34 16.88
CA THR C 162 10.24 14.59 17.18
C THR C 162 10.05 14.06 18.60
N VAL C 163 8.79 14.04 19.04
CA VAL C 163 8.45 13.51 20.36
C VAL C 163 7.33 12.48 20.16
N SER C 164 7.20 11.56 21.10
CA SER C 164 6.15 10.54 21.03
C SER C 164 5.38 10.44 22.33
N LEU C 165 4.06 10.29 22.20
CA LEU C 165 3.18 10.11 23.35
C LEU C 165 2.55 8.76 23.13
N VAL C 166 2.63 7.87 24.11
CA VAL C 166 2.01 6.57 23.95
C VAL C 166 0.67 6.60 24.65
N VAL C 167 -0.37 6.14 23.96
CA VAL C 167 -1.70 6.05 24.54
C VAL C 167 -1.79 4.59 24.97
N PRO C 168 -1.54 4.32 26.26
CA PRO C 168 -1.57 2.96 26.80
C PRO C 168 -2.96 2.35 26.67
N TRP C 169 -3.03 1.03 26.52
CA TRP C 169 -4.32 0.39 26.44
C TRP C 169 -4.94 0.40 27.83
N ILE C 170 -5.88 1.31 28.04
CA ILE C 170 -6.57 1.42 29.31
C ILE C 170 -8.05 1.23 29.00
N SER C 171 -8.51 0.00 29.17
CA SER C 171 -9.88 -0.36 28.87
C SER C 171 -10.41 -1.38 29.86
N ALA C 172 -11.73 -1.42 29.99
CA ALA C 172 -12.35 -2.39 30.88
C ALA C 172 -12.24 -3.76 30.22
N SER C 173 -12.57 -3.82 28.94
CA SER C 173 -12.53 -5.06 28.16
C SER C 173 -11.21 -5.22 27.40
N GLN C 174 -10.86 -6.48 27.10
CA GLN C 174 -9.62 -6.77 26.40
C GLN C 174 -9.58 -6.16 25.00
N TYR C 175 -10.74 -5.95 24.38
CA TYR C 175 -10.81 -5.36 23.04
C TYR C 175 -11.89 -4.30 23.00
N ARG C 176 -11.93 -3.54 21.91
CA ARG C 176 -12.93 -2.49 21.69
C ARG C 176 -13.38 -2.62 20.24
N PHE C 177 -14.52 -2.01 19.91
CA PHE C 177 -14.98 -2.05 18.53
C PHE C 177 -14.22 -0.98 17.76
N THR C 178 -13.88 -1.25 16.51
CA THR C 178 -13.17 -0.27 15.71
C THR C 178 -14.13 0.80 15.24
N THR C 179 -15.37 0.41 14.99
CA THR C 179 -16.38 1.37 14.55
C THR C 179 -16.82 2.23 15.72
N PRO C 180 -17.11 3.52 15.46
CA PRO C 180 -17.55 4.45 16.51
C PRO C 180 -18.75 3.94 17.35
N ASP C 181 -18.43 3.32 18.49
CA ASP C 181 -19.42 2.77 19.44
C ASP C 181 -19.22 3.39 20.83
N THR C 182 -20.29 3.95 21.39
CA THR C 182 -20.25 4.60 22.70
C THR C 182 -19.46 3.81 23.75
N TYR C 183 -19.99 2.64 24.13
CA TYR C 183 -19.38 1.75 25.12
C TYR C 183 -17.85 1.61 24.99
N SER C 184 -17.34 1.51 23.77
CA SER C 184 -15.91 1.34 23.57
C SER C 184 -15.09 2.57 23.10
N SER C 185 -15.63 3.79 23.26
CA SER C 185 -14.86 4.98 22.87
C SER C 185 -13.69 5.09 23.86
N ALA C 186 -12.47 5.11 23.32
CA ALA C 186 -11.26 5.10 24.13
C ALA C 186 -10.68 6.36 24.76
N GLY C 187 -11.25 7.53 24.49
CA GLY C 187 -10.69 8.73 25.10
C GLY C 187 -10.19 9.78 24.13
N TYR C 188 -9.42 10.74 24.63
CA TYR C 188 -8.91 11.82 23.78
C TYR C 188 -7.44 12.17 23.92
N ILE C 189 -6.92 12.84 22.90
CA ILE C 189 -5.54 13.34 22.92
C ILE C 189 -5.71 14.83 22.70
N THR C 190 -5.22 15.63 23.63
CA THR C 190 -5.31 17.07 23.48
C THR C 190 -3.88 17.57 23.55
N CYS C 191 -3.65 18.77 23.03
CA CYS C 191 -2.32 19.37 23.03
C CYS C 191 -2.45 20.80 23.52
N TRP C 192 -1.59 21.18 24.47
CA TRP C 192 -1.64 22.52 25.04
C TRP C 192 -0.27 23.17 25.13
N TYR C 193 -0.25 24.50 25.13
CA TYR C 193 1.00 25.23 25.28
C TYR C 193 1.46 25.07 26.73
N GLN C 194 2.65 24.51 26.94
CA GLN C 194 3.17 24.35 28.30
C GLN C 194 3.75 25.69 28.73
N THR C 195 4.59 26.27 27.87
CA THR C 195 5.17 27.59 28.11
C THR C 195 4.68 28.45 26.95
N ASN C 196 5.51 28.58 25.93
CA ASN C 196 5.13 29.36 24.76
C ASN C 196 6.08 29.15 23.59
N PHE C 197 5.63 29.61 22.43
CA PHE C 197 6.38 29.55 21.19
C PHE C 197 7.19 30.85 21.22
N VAL C 198 8.52 30.72 21.23
CA VAL C 198 9.38 31.90 21.29
C VAL C 198 10.41 31.92 20.18
N VAL C 199 10.62 33.10 19.60
CA VAL C 199 11.59 33.25 18.53
C VAL C 199 12.39 34.54 18.68
N PRO C 200 13.57 34.61 18.06
CA PRO C 200 14.41 35.80 18.13
C PRO C 200 13.84 36.76 17.09
N PRO C 201 14.40 37.97 16.99
CA PRO C 201 13.85 38.87 15.98
C PRO C 201 14.16 38.34 14.57
N ASN C 202 13.47 38.87 13.55
CA ASN C 202 13.67 38.45 12.16
C ASN C 202 13.50 36.95 11.91
N THR C 203 12.55 36.34 12.59
CA THR C 203 12.32 34.91 12.43
C THR C 203 10.82 34.75 12.25
N PRO C 204 10.39 33.87 11.32
CA PRO C 204 8.95 33.69 11.13
C PRO C 204 8.17 33.46 12.42
N ASN C 205 7.06 34.18 12.55
CA ASN C 205 6.21 34.10 13.74
C ASN C 205 5.20 32.99 13.83
N THR C 206 5.36 31.97 12.98
CA THR C 206 4.48 30.82 13.02
C THR C 206 5.33 29.65 12.58
N ALA C 207 4.89 28.43 12.88
CA ALA C 207 5.63 27.25 12.48
C ALA C 207 4.65 26.09 12.41
N GLU C 208 4.97 25.11 11.59
CA GLU C 208 4.10 23.95 11.44
C GLU C 208 4.58 22.77 12.27
N MET C 209 3.68 21.83 12.48
CA MET C 209 3.95 20.63 13.24
C MET C 209 3.28 19.47 12.50
N LEU C 210 3.99 18.35 12.33
CA LEU C 210 3.43 17.18 11.66
C LEU C 210 3.09 16.13 12.72
N CYS C 211 1.99 15.42 12.50
CA CYS C 211 1.52 14.42 13.45
C CYS C 211 1.48 13.00 12.87
N PHE C 212 2.11 12.07 13.56
CA PHE C 212 2.17 10.67 13.10
C PHE C 212 1.46 9.72 14.05
N VAL C 213 1.17 8.52 13.55
CA VAL C 213 0.53 7.48 14.36
C VAL C 213 0.92 6.08 13.86
N SER C 214 1.00 5.14 14.80
CA SER C 214 1.34 3.76 14.51
C SER C 214 1.02 2.96 15.78
N GLY C 215 1.06 1.63 15.71
CA GLY C 215 0.75 0.83 16.88
C GLY C 215 1.96 0.29 17.62
N CYS C 216 1.82 0.08 18.93
CA CYS C 216 2.91 -0.44 19.74
C CYS C 216 2.95 -1.98 19.68
N LYS C 217 3.92 -2.57 20.36
CA LYS C 217 4.09 -4.02 20.36
C LYS C 217 2.84 -4.80 20.74
N ASP C 218 1.92 -4.17 21.45
CA ASP C 218 0.71 -4.86 21.87
C ASP C 218 -0.53 -4.60 21.01
N PHE C 219 -0.37 -3.82 19.95
CA PHE C 219 -1.50 -3.53 19.06
C PHE C 219 -1.93 -4.80 18.35
N CYS C 220 -3.25 -4.96 18.17
CA CYS C 220 -3.77 -6.14 17.51
C CYS C 220 -5.19 -5.91 17.01
N LEU C 221 -5.50 -6.48 15.84
CA LEU C 221 -6.82 -6.36 15.24
C LEU C 221 -7.49 -7.73 15.19
N ARG C 222 -8.82 -7.74 15.17
CA ARG C 222 -9.55 -9.01 15.20
C ARG C 222 -10.88 -8.97 14.44
N MET C 223 -11.30 -10.12 13.91
CA MET C 223 -12.56 -10.25 13.17
C MET C 223 -12.60 -9.43 11.87
N ALA C 224 -12.09 -10.02 10.79
CA ALA C 224 -12.06 -9.38 9.49
C ALA C 224 -13.45 -8.96 9.00
N ARG C 225 -13.53 -7.76 8.44
CA ARG C 225 -14.79 -7.23 7.93
C ARG C 225 -14.51 -6.28 6.76
N ASP C 226 -15.51 -6.05 5.92
CA ASP C 226 -15.32 -5.12 4.81
C ASP C 226 -15.26 -3.69 5.31
N THR C 227 -14.48 -2.86 4.64
CA THR C 227 -14.31 -1.46 5.03
C THR C 227 -15.41 -0.54 4.55
N ASP C 228 -15.67 0.49 5.34
CA ASP C 228 -16.68 1.49 4.98
C ASP C 228 -15.94 2.78 4.64
N LEU C 229 -14.63 2.68 4.46
CA LEU C 229 -13.82 3.83 4.10
C LEU C 229 -13.60 3.89 2.60
N HIS C 230 -14.30 3.02 1.87
CA HIS C 230 -14.21 2.97 0.42
C HIS C 230 -15.43 2.29 -0.17
N LYS C 231 -15.92 2.81 -1.30
CA LYS C 231 -17.11 2.24 -1.91
C LYS C 231 -17.07 2.20 -3.43
N GLN C 232 -18.09 1.57 -4.00
CA GLN C 232 -18.24 1.45 -5.44
C GLN C 232 -19.71 1.71 -5.71
N THR C 233 -20.03 2.83 -6.34
CA THR C 233 -21.41 3.19 -6.61
C THR C 233 -21.82 2.97 -8.06
N GLY C 234 -20.95 2.31 -8.82
CA GLY C 234 -21.24 2.06 -10.22
C GLY C 234 -20.30 1.02 -10.79
N PRO C 235 -20.50 0.60 -12.03
CA PRO C 235 -19.60 -0.40 -12.61
C PRO C 235 -18.23 0.14 -12.93
N ILE C 236 -17.20 -0.66 -12.67
CA ILE C 236 -15.83 -0.27 -12.97
C ILE C 236 -15.62 -0.93 -14.33
N THR C 237 -15.51 -0.11 -15.37
CA THR C 237 -15.37 -0.63 -16.72
C THR C 237 -13.98 -0.60 -17.31
N GLN C 238 -13.86 -1.27 -18.45
CA GLN C 238 -12.62 -1.36 -19.19
C GLN C 238 -12.40 -0.08 -19.98
N GLY D 1 -1.51 -39.45 0.29
CA GLY D 1 -0.95 -38.10 0.51
C GLY D 1 -1.34 -37.55 1.86
N ALA D 2 -0.73 -38.09 2.91
CA ALA D 2 -1.01 -37.69 4.29
C ALA D 2 0.27 -37.51 5.11
N GLN D 3 0.36 -36.38 5.80
CA GLN D 3 1.52 -36.08 6.63
C GLN D 3 1.15 -36.44 8.07
N VAL D 4 1.07 -37.75 8.31
CA VAL D 4 0.70 -38.32 9.61
C VAL D 4 1.70 -38.01 10.74
N SER D 5 1.19 -37.36 11.78
CA SER D 5 1.98 -37.00 12.95
C SER D 5 1.60 -37.93 14.11
N ARG D 6 2.21 -37.72 15.27
CA ARG D 6 1.93 -38.56 16.44
C ARG D 6 2.36 -37.86 17.74
N GLN D 7 1.65 -38.15 18.83
CA GLN D 7 1.95 -37.54 20.13
C GLN D 7 1.16 -38.21 21.24
N SER D 23 -2.56 -40.54 22.42
CA SER D 23 -1.86 -40.25 21.17
C SER D 23 -2.65 -39.26 20.29
N LEU D 24 -2.01 -38.18 19.86
CA LEU D 24 -2.67 -37.19 19.01
C LEU D 24 -2.04 -37.25 17.61
N ASN D 25 -2.62 -38.07 16.75
CA ASN D 25 -2.12 -38.27 15.39
C ASN D 25 -2.73 -37.29 14.40
N TYR D 26 -1.91 -36.34 13.93
CA TYR D 26 -2.35 -35.34 12.96
C TYR D 26 -2.36 -35.96 11.57
N PHE D 27 -3.38 -35.64 10.77
CA PHE D 27 -3.48 -36.18 9.42
C PHE D 27 -3.67 -35.09 8.36
N ASN D 28 -2.56 -34.50 7.93
CA ASN D 28 -2.62 -33.45 6.92
C ASN D 28 -2.73 -34.09 5.53
N ILE D 29 -3.96 -34.22 5.03
CA ILE D 29 -4.21 -34.87 3.74
C ILE D 29 -4.40 -33.96 2.53
N ASN D 30 -3.76 -34.33 1.43
CA ASN D 30 -3.86 -33.59 0.18
C ASN D 30 -4.62 -34.54 -0.74
N TYR D 31 -5.89 -34.24 -0.99
CA TYR D 31 -6.75 -35.08 -1.82
C TYR D 31 -6.45 -35.10 -3.30
N PHE D 32 -5.87 -34.03 -3.82
CA PHE D 32 -5.56 -33.95 -5.25
C PHE D 32 -4.05 -33.87 -5.41
N LYS D 33 -3.53 -34.20 -6.58
CA LYS D 33 -2.10 -34.18 -6.79
C LYS D 33 -1.48 -32.86 -7.23
N ASP D 34 -2.15 -31.74 -6.93
CA ASP D 34 -1.60 -30.43 -7.28
C ASP D 34 -1.55 -29.58 -6.02
N ALA D 35 -0.45 -28.84 -5.87
CA ALA D 35 -0.26 -28.00 -4.70
C ALA D 35 -1.33 -26.90 -4.65
N ALA D 36 -1.76 -26.45 -5.83
CA ALA D 36 -2.77 -25.41 -5.90
C ALA D 36 -4.08 -25.86 -5.26
N SER D 37 -4.37 -27.14 -5.34
CA SER D 37 -5.59 -27.71 -4.80
C SER D 37 -5.78 -27.66 -3.29
N SER D 38 -4.68 -27.65 -2.52
CA SER D 38 -4.82 -27.64 -1.07
C SER D 38 -5.37 -26.35 -0.49
N GLY D 39 -5.85 -26.44 0.75
CA GLY D 39 -6.42 -25.28 1.44
C GLY D 39 -5.44 -24.20 1.86
N ALA D 40 -5.94 -23.25 2.64
CA ALA D 40 -5.13 -22.13 3.12
C ALA D 40 -3.82 -22.61 3.74
N SER D 41 -2.77 -21.81 3.57
CA SER D 41 -1.44 -22.14 4.11
C SER D 41 -1.31 -21.94 5.61
N ARG D 42 -0.23 -22.47 6.16
CA ARG D 42 0.08 -22.33 7.57
C ARG D 42 0.76 -20.98 7.75
N LEU D 43 0.83 -20.48 8.98
CA LEU D 43 1.42 -19.17 9.20
C LEU D 43 2.91 -19.13 9.55
N ASP D 44 3.51 -17.98 9.25
CA ASP D 44 4.93 -17.62 9.43
C ASP D 44 5.90 -18.41 8.52
#